data_5D4V
#
_entry.id   5D4V
#
_cell.length_a   86.110
_cell.length_b   70.480
_cell.length_c   91.770
_cell.angle_alpha   90.000
_cell.angle_beta   105.190
_cell.angle_gamma   90.000
#
_symmetry.space_group_name_H-M   'P 1 21 1'
#
loop_
_entity.id
_entity.type
_entity.pdbx_description
1 polymer 'Uncharacterized protein MJ0489'
2 non-polymer S-ADENOSYL-L-HOMOCYSTEINE
3 non-polymer 'SULFATE ION'
4 non-polymer "5'-O-[(R)-[(3,6-dimethyl-2-oxo-1,2-dihydropyridin-4-yl)oxy](hydroxy)phosphoryl]guanosine"
5 water water
#
_entity_poly.entity_id   1
_entity_poly.type   'polypeptide(L)'
_entity_poly.pdbx_seq_one_letter_code
;MGCGIMKYGITEMVKTIDTKTRVVDVTNEIAKKKYQAIRDFLEGEEFKEVVIFGVYLWGNYTAQMLSKYADKVYLVDIHE
FMKGFVPNNNSIKFLNLNEFKLKFIRGEVNPDLIVDLTGLGGIEPEFLAKFNPKVFIVEDPKGVFDVDIYEADNTYKRTA
PFIEKAKVGVLKTYRKARVSKTSGTMTLTIDTIVDASREITSLDGVLYAIPNLRYYEGILFHENDIHKFLSEISQPAITI
STLNDVLDEAEEILSNNINLIYSFVEEL
;
_entity_poly.pdbx_strand_id   A,B,C,D
#
# COMPACT_ATOMS: atom_id res chain seq x y z
N GLU A 12 -26.04 -12.78 16.01
CA GLU A 12 -25.92 -11.91 14.85
C GLU A 12 -24.84 -12.41 13.86
N MET A 13 -24.86 -11.86 12.67
CA MET A 13 -23.97 -12.30 11.60
C MET A 13 -22.50 -11.94 11.80
N VAL A 14 -22.21 -10.95 12.64
CA VAL A 14 -20.83 -10.50 12.79
C VAL A 14 -20.16 -11.13 14.01
N LYS A 15 -18.99 -11.75 13.79
CA LYS A 15 -18.25 -12.41 14.86
C LYS A 15 -17.02 -11.59 15.22
N THR A 16 -16.56 -11.79 16.45
CA THR A 16 -15.30 -11.22 16.91
C THR A 16 -14.35 -12.36 17.18
N ILE A 17 -13.16 -12.27 16.62
CA ILE A 17 -12.14 -13.31 16.73
C ILE A 17 -10.81 -12.73 17.20
N ASP A 18 -10.30 -13.24 18.33
CA ASP A 18 -8.91 -12.92 18.72
C ASP A 18 -7.96 -13.98 18.15
N THR A 19 -6.79 -13.56 17.68
CA THR A 19 -5.81 -14.55 17.27
C THR A 19 -5.34 -15.35 18.50
N LYS A 20 -4.95 -16.60 18.26
CA LYS A 20 -4.30 -17.39 19.31
C LYS A 20 -2.90 -16.86 19.54
N THR A 21 -2.24 -16.43 18.48
CA THR A 21 -0.92 -15.84 18.57
C THR A 21 -1.02 -14.55 19.39
N ARG A 22 -0.18 -14.45 20.42
CA ARG A 22 -0.10 -13.27 21.27
C ARG A 22 1.05 -12.35 20.87
N VAL A 23 1.06 -11.12 21.37
CA VAL A 23 2.21 -10.27 21.11
C VAL A 23 3.49 -10.95 21.57
N VAL A 24 3.45 -11.58 22.76
CA VAL A 24 4.65 -12.23 23.29
C VAL A 24 5.12 -13.43 22.44
N ASP A 25 4.20 -14.08 21.72
CA ASP A 25 4.57 -15.17 20.79
C ASP A 25 5.37 -14.59 19.62
N VAL A 26 5.01 -13.40 19.13
CA VAL A 26 5.72 -12.77 18.04
C VAL A 26 7.13 -12.37 18.54
N THR A 27 7.22 -11.77 19.74
CA THR A 27 8.53 -11.37 20.25
C THR A 27 9.41 -12.60 20.46
N ASN A 28 8.81 -13.67 20.96
CA ASN A 28 9.57 -14.91 21.15
C ASN A 28 10.10 -15.48 19.83
N GLU A 29 9.29 -15.44 18.79
CA GLU A 29 9.72 -15.99 17.49
C GLU A 29 10.85 -15.15 16.93
N ILE A 30 10.79 -13.85 17.16
CA ILE A 30 11.88 -13.00 16.69
C ILE A 30 13.16 -13.25 17.48
N ALA A 31 13.07 -13.34 18.80
CA ALA A 31 14.27 -13.72 19.60
C ALA A 31 14.88 -15.06 19.16
N LYS A 32 14.03 -16.00 18.83
CA LYS A 32 14.51 -17.33 18.41
C LYS A 32 15.30 -17.20 17.11
N LYS A 33 14.82 -16.37 16.19
CA LYS A 33 15.53 -16.13 14.93
C LYS A 33 16.87 -15.43 15.14
N LYS A 34 16.87 -14.43 16.00
CA LYS A 34 18.10 -13.72 16.31
C LYS A 34 19.10 -14.69 16.93
N TYR A 35 18.64 -15.50 17.87
CA TYR A 35 19.61 -16.41 18.48
C TYR A 35 20.09 -17.45 17.45
N GLN A 36 19.22 -17.89 16.55
CA GLN A 36 19.66 -18.87 15.54
C GLN A 36 20.78 -18.26 14.67
N ALA A 37 20.72 -16.96 14.41
CA ALA A 37 21.79 -16.32 13.67
C ALA A 37 23.12 -16.37 14.45
N ILE A 38 23.07 -16.10 15.75
CA ILE A 38 24.28 -16.20 16.60
C ILE A 38 24.77 -17.66 16.66
N ARG A 39 23.86 -18.60 16.81
CA ARG A 39 24.23 -20.01 16.87
C ARG A 39 24.93 -20.48 15.59
N ASP A 40 24.42 -20.06 14.43
CA ASP A 40 25.03 -20.42 13.14
C ASP A 40 26.42 -19.82 13.03
N PHE A 41 26.59 -18.61 13.57
CA PHE A 41 27.89 -17.92 13.56
C PHE A 41 28.92 -18.60 14.45
N LEU A 42 28.50 -18.97 15.65
CA LEU A 42 29.43 -19.54 16.61
C LEU A 42 29.77 -20.99 16.32
N GLU A 43 28.86 -21.72 15.65
CA GLU A 43 29.11 -23.10 15.23
C GLU A 43 29.60 -23.97 16.39
N GLY A 44 28.97 -23.77 17.54
CA GLY A 44 29.23 -24.60 18.70
C GLY A 44 30.53 -24.32 19.44
N GLU A 45 31.20 -23.21 19.17
CA GLU A 45 32.41 -22.89 19.94
C GLU A 45 32.11 -22.84 21.43
N GLU A 46 33.03 -23.35 22.24
CA GLU A 46 32.83 -23.41 23.68
C GLU A 46 33.61 -22.29 24.35
N PHE A 47 33.06 -21.73 25.43
CA PHE A 47 33.64 -20.56 26.08
C PHE A 47 33.75 -20.73 27.58
N LYS A 48 34.76 -20.08 28.18
CA LYS A 48 34.93 -20.08 29.63
C LYS A 48 33.96 -19.10 30.28
N GLU A 49 33.81 -17.93 29.68
CA GLU A 49 33.04 -16.86 30.30
C GLU A 49 32.43 -15.93 29.29
N VAL A 50 31.10 -15.85 29.31
CA VAL A 50 30.37 -15.02 28.37
C VAL A 50 29.77 -13.80 29.08
N VAL A 51 29.92 -12.63 28.48
CA VAL A 51 29.26 -11.42 28.98
C VAL A 51 28.33 -10.89 27.88
N ILE A 52 27.05 -10.74 28.25
CA ILE A 52 26.04 -10.18 27.37
C ILE A 52 25.57 -8.86 27.96
N PHE A 53 25.67 -7.79 27.19
CA PHE A 53 25.15 -6.50 27.63
C PHE A 53 23.78 -6.24 27.04
N GLY A 54 22.80 -5.96 27.90
CA GLY A 54 21.49 -5.59 27.43
C GLY A 54 20.44 -6.68 27.57
N VAL A 55 19.61 -6.57 28.60
CA VAL A 55 18.60 -7.58 28.88
C VAL A 55 17.41 -7.46 27.95
N TYR A 56 16.90 -6.24 27.78
CA TYR A 56 15.69 -6.02 26.96
C TYR A 56 16.07 -6.01 25.48
N LEU A 57 15.37 -6.73 24.58
CA LEU A 57 14.22 -7.59 24.89
C LEU A 57 14.61 -9.07 24.74
N TRP A 58 15.83 -9.39 24.31
CA TRP A 58 16.14 -10.82 24.12
C TRP A 58 17.45 -11.29 24.75
N GLY A 59 17.95 -10.48 25.68
CA GLY A 59 19.22 -10.81 26.34
C GLY A 59 19.12 -12.02 27.26
N ASN A 60 18.02 -12.15 27.99
CA ASN A 60 17.92 -13.35 28.82
C ASN A 60 17.78 -14.62 28.02
N TYR A 61 17.03 -14.57 26.92
CA TYR A 61 16.95 -15.74 26.07
C TYR A 61 18.33 -16.14 25.56
N THR A 62 19.11 -15.16 25.10
CA THR A 62 20.47 -15.40 24.63
C THR A 62 21.32 -16.03 25.73
N ALA A 63 21.20 -15.49 26.93
CA ALA A 63 22.03 -16.00 28.04
C ALA A 63 21.66 -17.43 28.37
N GLN A 64 20.37 -17.71 28.40
CA GLN A 64 19.95 -19.07 28.69
C GLN A 64 20.52 -20.04 27.63
N MET A 65 20.42 -19.64 26.36
CA MET A 65 20.87 -20.50 25.29
C MET A 65 22.38 -20.68 25.26
N LEU A 66 23.14 -19.60 25.45
CA LEU A 66 24.60 -19.72 25.41
C LEU A 66 25.17 -20.48 26.59
N SER A 67 24.41 -20.61 27.67
CA SER A 67 24.95 -21.21 28.88
C SER A 67 25.31 -22.69 28.66
N LYS A 68 24.72 -23.35 27.65
CA LYS A 68 25.11 -24.74 27.38
C LYS A 68 26.52 -24.78 26.75
N TYR A 69 26.98 -23.63 26.24
CA TYR A 69 28.28 -23.50 25.59
C TYR A 69 29.31 -22.77 26.42
N ALA A 70 29.00 -22.47 27.67
CA ALA A 70 29.90 -21.65 28.48
C ALA A 70 29.92 -22.09 29.92
N ASP A 71 31.08 -21.97 30.54
CA ASP A 71 31.22 -22.31 31.95
C ASP A 71 30.47 -21.30 32.83
N LYS A 72 30.50 -20.05 32.42
CA LYS A 72 29.87 -18.96 33.16
C LYS A 72 29.30 -17.93 32.20
N VAL A 73 28.10 -17.47 32.49
CA VAL A 73 27.44 -16.43 31.68
C VAL A 73 27.02 -15.26 32.57
N TYR A 74 27.47 -14.05 32.24
CA TYR A 74 27.01 -12.85 32.90
C TYR A 74 26.06 -12.09 31.99
N LEU A 75 24.93 -11.63 32.52
CA LEU A 75 24.01 -10.78 31.76
C LEU A 75 23.98 -9.43 32.47
N VAL A 76 24.41 -8.39 31.75
CA VAL A 76 24.69 -7.10 32.37
C VAL A 76 23.75 -6.03 31.83
N ASP A 77 23.18 -5.24 32.74
CA ASP A 77 22.33 -4.14 32.29
C ASP A 77 22.57 -2.89 33.12
N ILE A 78 22.49 -1.74 32.48
CA ILE A 78 22.64 -0.49 33.20
C ILE A 78 21.48 -0.24 34.18
N HIS A 79 20.33 -0.89 33.95
CA HIS A 79 19.22 -0.77 34.89
C HIS A 79 19.07 -2.00 35.77
N GLU A 80 19.20 -1.80 37.08
CA GLU A 80 19.07 -2.89 38.05
C GLU A 80 17.72 -3.62 37.98
N PHE A 81 16.62 -2.92 37.67
CA PHE A 81 15.30 -3.56 37.68
C PHE A 81 15.19 -4.65 36.63
N MET A 82 16.07 -4.64 35.64
CA MET A 82 16.03 -5.67 34.61
C MET A 82 16.32 -7.07 35.19
N LYS A 83 16.82 -7.12 36.42
CA LYS A 83 17.09 -8.36 37.11
C LYS A 83 15.84 -9.25 37.08
N GLY A 84 14.68 -8.61 37.04
CA GLY A 84 13.42 -9.33 37.07
C GLY A 84 13.18 -10.26 35.91
N PHE A 85 13.85 -10.03 34.79
CA PHE A 85 13.74 -10.90 33.63
C PHE A 85 14.65 -12.16 33.69
N VAL A 86 15.53 -12.22 34.69
CA VAL A 86 16.52 -13.29 34.81
C VAL A 86 16.15 -14.29 35.91
N PRO A 87 15.87 -15.55 35.52
CA PRO A 87 15.41 -16.58 36.46
C PRO A 87 16.38 -16.89 37.57
N ASN A 88 15.83 -17.37 38.68
CA ASN A 88 16.60 -17.78 39.85
C ASN A 88 17.50 -18.97 39.60
N ASN A 89 18.12 -19.01 38.44
CA ASN A 89 18.91 -20.14 38.05
C ASN A 89 20.33 -19.66 38.33
N ASN A 90 21.34 -20.51 38.17
CA ASN A 90 22.71 -20.07 38.44
C ASN A 90 23.63 -20.44 37.30
N SER A 91 23.04 -20.66 36.13
CA SER A 91 23.80 -20.95 34.94
C SER A 91 23.97 -19.58 34.32
N ILE A 92 23.43 -18.58 35.01
CA ILE A 92 23.45 -17.17 34.59
C ILE A 92 23.41 -16.22 35.77
N LYS A 93 24.28 -15.23 35.72
CA LYS A 93 24.36 -14.23 36.77
C LYS A 93 24.00 -12.88 36.19
N PHE A 94 22.93 -12.28 36.70
CA PHE A 94 22.65 -10.87 36.37
C PHE A 94 23.54 -9.94 37.19
N LEU A 95 24.11 -8.96 36.53
CA LEU A 95 24.82 -7.87 37.22
C LEU A 95 24.37 -6.57 36.66
N ASN A 96 24.21 -5.55 37.50
CA ASN A 96 24.05 -4.23 36.89
C ASN A 96 25.41 -3.72 36.41
N LEU A 97 25.40 -2.69 35.58
CA LEU A 97 26.64 -2.27 34.95
C LEU A 97 27.68 -1.83 35.96
N ASN A 98 27.25 -1.09 36.98
CA ASN A 98 28.22 -0.67 37.98
C ASN A 98 28.84 -1.86 38.74
N GLU A 99 28.04 -2.88 39.06
CA GLU A 99 28.58 -4.09 39.71
C GLU A 99 29.58 -4.76 38.80
N PHE A 100 29.25 -4.82 37.51
CA PHE A 100 30.14 -5.44 36.53
C PHE A 100 31.44 -4.65 36.43
N LYS A 101 31.34 -3.31 36.37
CA LYS A 101 32.58 -2.53 36.27
C LYS A 101 33.48 -2.78 37.46
N LEU A 102 32.87 -2.89 38.63
CA LEU A 102 33.63 -3.13 39.86
C LEU A 102 34.33 -4.50 39.82
N LYS A 103 33.63 -5.53 39.35
CA LYS A 103 34.24 -6.85 39.19
C LYS A 103 35.44 -6.76 38.25
N PHE A 104 35.25 -6.03 37.15
CA PHE A 104 36.28 -5.90 36.13
C PHE A 104 37.52 -5.17 36.68
N ILE A 105 37.30 -4.10 37.44
CA ILE A 105 38.44 -3.39 38.03
C ILE A 105 39.22 -4.30 39.01
N ARG A 106 38.50 -5.24 39.61
CA ARG A 106 39.11 -6.20 40.54
C ARG A 106 39.77 -7.40 39.85
N GLY A 107 39.65 -7.46 38.53
CA GLY A 107 40.23 -8.55 37.77
C GLY A 107 39.45 -9.84 37.95
N GLU A 108 38.17 -9.71 38.23
CA GLU A 108 37.36 -10.86 38.60
C GLU A 108 36.51 -11.35 37.43
N VAL A 109 36.55 -10.62 36.31
CA VAL A 109 35.89 -11.04 35.06
C VAL A 109 36.87 -10.86 33.91
N ASN A 110 36.80 -11.76 32.93
CA ASN A 110 37.71 -11.71 31.77
C ASN A 110 37.09 -12.53 30.64
N PRO A 111 36.02 -12.02 30.06
CA PRO A 111 35.18 -12.81 29.16
C PRO A 111 35.87 -13.18 27.86
N ASP A 112 35.64 -14.39 27.35
CA ASP A 112 36.20 -14.71 26.05
C ASP A 112 35.13 -14.54 24.95
N LEU A 113 33.87 -14.40 25.32
CA LEU A 113 32.82 -13.99 24.36
C LEU A 113 32.07 -12.80 24.92
N ILE A 114 31.97 -11.73 24.13
CA ILE A 114 31.14 -10.58 24.49
C ILE A 114 30.09 -10.38 23.41
N VAL A 115 28.83 -10.21 23.85
CA VAL A 115 27.69 -9.92 22.97
C VAL A 115 27.07 -8.61 23.43
N ASP A 116 27.08 -7.63 22.56
CA ASP A 116 26.53 -6.31 22.90
C ASP A 116 25.18 -6.14 22.23
N LEU A 117 24.12 -6.20 23.01
CA LEU A 117 22.77 -6.03 22.49
C LEU A 117 22.18 -4.67 22.83
N THR A 118 23.01 -3.73 23.28
CA THR A 118 22.44 -2.48 23.82
C THR A 118 21.89 -1.46 22.76
N GLY A 119 22.33 -1.57 21.50
CA GLY A 119 21.76 -0.76 20.43
C GLY A 119 22.01 0.74 20.60
N LEU A 120 21.05 1.55 20.13
CA LEU A 120 21.24 3.01 20.10
C LEU A 120 21.46 3.59 21.49
N GLY A 121 22.48 4.43 21.61
CA GLY A 121 22.76 5.08 22.87
C GLY A 121 23.26 4.12 23.94
N GLY A 122 23.78 2.98 23.47
CA GLY A 122 24.16 1.89 24.35
C GLY A 122 25.56 2.01 24.91
N ILE A 123 26.20 0.86 25.06
CA ILE A 123 27.48 0.81 25.74
C ILE A 123 28.56 1.51 24.91
N GLU A 124 29.53 2.12 25.60
CA GLU A 124 30.59 2.89 24.94
C GLU A 124 31.71 2.05 24.32
N PRO A 125 32.14 2.38 23.08
CA PRO A 125 33.33 1.75 22.47
C PRO A 125 34.56 1.78 23.37
N GLU A 126 34.75 2.89 24.07
CA GLU A 126 35.92 3.05 24.92
C GLU A 126 35.95 2.05 26.08
N PHE A 127 34.76 1.74 26.60
CA PHE A 127 34.65 0.73 27.66
C PHE A 127 34.88 -0.66 27.09
N LEU A 128 34.22 -0.95 25.96
CA LEU A 128 34.42 -2.25 25.30
C LEU A 128 35.90 -2.49 24.99
N ALA A 129 36.61 -1.41 24.64
CA ALA A 129 38.01 -1.53 24.23
C ALA A 129 38.95 -2.02 25.34
N LYS A 130 38.47 -2.03 26.58
CA LYS A 130 39.28 -2.50 27.70
C LYS A 130 39.32 -4.01 27.78
N PHE A 131 38.48 -4.68 26.99
CA PHE A 131 38.38 -6.12 27.05
C PHE A 131 39.18 -6.79 25.92
N ASN A 132 39.43 -8.08 26.07
CA ASN A 132 40.21 -8.83 25.09
C ASN A 132 39.58 -10.21 24.81
N PRO A 133 38.35 -10.22 24.28
CA PRO A 133 37.65 -11.47 24.02
C PRO A 133 38.19 -12.21 22.81
N LYS A 134 37.91 -13.50 22.74
CA LYS A 134 38.15 -14.28 21.53
C LYS A 134 37.14 -13.91 20.42
N VAL A 135 35.89 -13.66 20.81
CA VAL A 135 34.80 -13.41 19.89
C VAL A 135 33.98 -12.24 20.43
N PHE A 136 33.64 -11.29 19.56
CA PHE A 136 32.79 -10.15 19.88
C PHE A 136 31.63 -10.09 18.88
N ILE A 137 30.41 -10.03 19.38
CA ILE A 137 29.23 -9.91 18.54
C ILE A 137 28.51 -8.65 18.97
N VAL A 138 28.19 -7.79 18.02
CA VAL A 138 27.41 -6.60 18.32
C VAL A 138 26.11 -6.59 17.51
N GLU A 139 25.00 -6.25 18.16
CA GLU A 139 23.73 -6.17 17.41
C GLU A 139 23.63 -4.79 16.75
N ASP A 140 23.53 -4.80 15.42
CA ASP A 140 23.29 -3.57 14.64
C ASP A 140 21.81 -3.16 14.80
N PRO A 141 21.54 -1.99 15.40
CA PRO A 141 20.13 -1.58 15.60
C PRO A 141 19.46 -1.04 14.36
N LYS A 142 20.21 -0.85 13.26
CA LYS A 142 19.65 -0.15 12.10
C LYS A 142 18.71 -1.04 11.31
N GLY A 143 17.74 -0.40 10.66
CA GLY A 143 16.81 -1.08 9.78
C GLY A 143 16.97 -0.45 8.40
N VAL A 144 15.87 0.04 7.86
CA VAL A 144 15.86 0.70 6.56
C VAL A 144 16.73 1.98 6.57
N PHE A 145 17.18 2.40 5.40
CA PHE A 145 18.00 3.62 5.31
C PHE A 145 17.25 4.75 6.00
N ASP A 146 17.89 5.43 6.95
CA ASP A 146 17.30 6.58 7.60
C ASP A 146 18.46 7.49 8.04
N VAL A 147 18.50 8.75 7.59
CA VAL A 147 19.68 9.60 7.85
C VAL A 147 19.92 9.76 9.37
N ASP A 148 18.86 9.88 10.17
CA ASP A 148 19.06 10.20 11.57
C ASP A 148 19.39 8.95 12.41
N ILE A 149 18.74 7.84 12.10
CA ILE A 149 19.08 6.58 12.81
C ILE A 149 20.52 6.16 12.44
N TYR A 150 20.89 6.30 11.18
CA TYR A 150 22.26 5.97 10.79
C TYR A 150 23.27 6.85 11.52
N GLU A 151 22.96 8.14 11.67
CA GLU A 151 23.89 9.04 12.32
C GLU A 151 24.01 8.74 13.81
N ALA A 152 22.92 8.26 14.43
CA ALA A 152 22.90 7.97 15.85
C ALA A 152 23.62 6.66 16.19
N ASP A 153 23.71 5.80 15.18
CA ASP A 153 24.33 4.47 15.33
C ASP A 153 25.85 4.57 15.37
N ASN A 154 26.49 3.79 16.25
CA ASN A 154 27.96 3.72 16.22
C ASN A 154 28.44 2.26 16.32
N THR A 155 27.66 1.36 15.74
CA THR A 155 27.97 -0.06 15.73
C THR A 155 29.41 -0.34 15.27
N TYR A 156 29.85 0.30 14.19
CA TYR A 156 31.16 -0.09 13.69
C TYR A 156 32.29 0.55 14.50
N LYS A 157 31.97 1.51 15.35
CA LYS A 157 32.95 2.03 16.29
C LYS A 157 33.16 1.02 17.43
N ARG A 158 32.11 0.26 17.76
CA ARG A 158 32.19 -0.76 18.81
C ARG A 158 33.01 -1.96 18.37
N THR A 159 33.00 -2.23 17.07
CA THR A 159 33.77 -3.36 16.55
C THR A 159 35.27 -3.01 16.41
N ALA A 160 35.60 -1.74 16.25
CA ALA A 160 36.99 -1.33 15.95
C ALA A 160 38.07 -1.86 16.93
N PRO A 161 37.80 -1.83 18.25
CA PRO A 161 38.86 -2.34 19.13
C PRO A 161 39.16 -3.83 19.00
N PHE A 162 38.32 -4.57 18.28
CA PHE A 162 38.42 -6.02 18.26
C PHE A 162 38.84 -6.67 16.95
N ILE A 163 38.79 -5.90 15.87
CA ILE A 163 39.06 -6.40 14.53
C ILE A 163 40.38 -7.13 14.38
N GLU A 164 41.43 -6.61 15.01
CA GLU A 164 42.76 -7.17 14.77
C GLU A 164 42.98 -8.52 15.44
N LYS A 165 42.33 -8.75 16.58
CA LYS A 165 42.66 -9.87 17.44
C LYS A 165 41.53 -10.88 17.68
N ALA A 166 40.31 -10.53 17.36
CA ALA A 166 39.18 -11.39 17.68
C ALA A 166 38.36 -11.71 16.43
N LYS A 167 37.51 -12.73 16.54
CA LYS A 167 36.47 -12.99 15.58
C LYS A 167 35.31 -12.03 15.88
N VAL A 168 34.92 -11.24 14.89
CA VAL A 168 33.96 -10.18 15.10
C VAL A 168 32.76 -10.40 14.22
N GLY A 169 31.58 -10.32 14.83
CA GLY A 169 30.34 -10.47 14.08
C GLY A 169 29.37 -9.33 14.34
N VAL A 170 28.65 -8.94 13.31
CA VAL A 170 27.64 -7.91 13.45
C VAL A 170 26.29 -8.54 13.13
N LEU A 171 25.42 -8.56 14.13
CA LEU A 171 24.10 -9.18 13.98
C LEU A 171 23.10 -8.20 13.37
N LYS A 172 22.54 -8.60 12.23
CA LYS A 172 21.60 -7.78 11.48
C LYS A 172 20.27 -8.48 11.36
N THR A 173 19.16 -7.75 11.49
CA THR A 173 17.83 -8.35 11.34
C THR A 173 16.95 -7.42 10.58
N TYR A 174 16.38 -7.91 9.48
CA TYR A 174 15.62 -7.09 8.57
C TYR A 174 14.39 -7.85 8.16
N ARG A 175 13.42 -7.14 7.57
CA ARG A 175 12.24 -7.78 7.03
C ARG A 175 12.40 -7.78 5.52
N LYS A 176 12.26 -8.95 4.90
CA LYS A 176 12.46 -9.07 3.47
C LYS A 176 11.36 -8.31 2.73
N ALA A 177 11.79 -7.32 1.93
CA ALA A 177 10.92 -6.51 1.07
C ALA A 177 9.85 -5.76 1.87
N ARG A 178 10.12 -5.45 3.14
CA ARG A 178 9.21 -4.64 3.95
C ARG A 178 10.02 -3.62 4.74
N VAL A 179 9.37 -2.56 5.17
CA VAL A 179 10.10 -1.50 5.86
C VAL A 179 10.00 -1.65 7.39
N SER A 180 11.16 -1.67 8.05
CA SER A 180 11.21 -1.52 9.52
C SER A 180 12.31 -0.53 9.80
N LYS A 181 12.11 0.38 10.77
CA LYS A 181 13.11 1.44 10.99
C LYS A 181 14.30 1.00 11.84
N THR A 182 14.13 -0.05 12.63
CA THR A 182 15.24 -0.62 13.41
C THR A 182 15.16 -2.12 13.35
N SER A 183 16.19 -2.78 13.87
CA SER A 183 16.14 -4.23 14.05
C SER A 183 15.67 -4.63 15.46
N GLY A 184 15.22 -3.66 16.23
CA GLY A 184 14.79 -3.90 17.61
C GLY A 184 13.69 -4.93 17.64
N THR A 185 13.76 -5.83 18.61
CA THR A 185 12.75 -6.87 18.72
C THR A 185 11.34 -6.26 18.77
N MET A 186 11.19 -5.19 19.57
CA MET A 186 9.87 -4.55 19.69
C MET A 186 9.43 -3.87 18.39
N THR A 187 10.32 -3.13 17.73
CA THR A 187 10.00 -2.51 16.45
C THR A 187 9.50 -3.54 15.47
N LEU A 188 10.24 -4.65 15.37
CA LEU A 188 9.88 -5.70 14.42
C LEU A 188 8.56 -6.34 14.77
N THR A 189 8.32 -6.49 16.08
CA THR A 189 7.04 -7.01 16.56
C THR A 189 5.87 -6.12 16.16
N ILE A 190 6.00 -4.81 16.39
CA ILE A 190 4.96 -3.87 16.02
C ILE A 190 4.68 -3.93 14.53
N ASP A 191 5.75 -3.88 13.74
CA ASP A 191 5.56 -3.81 12.29
C ASP A 191 4.94 -5.11 11.74
N THR A 192 5.32 -6.26 12.30
CA THR A 192 4.75 -7.54 11.94
C THR A 192 3.24 -7.58 12.18
N ILE A 193 2.85 -7.13 13.36
CA ILE A 193 1.44 -7.19 13.76
C ILE A 193 0.59 -6.15 13.04
N VAL A 194 1.12 -4.93 12.86
CA VAL A 194 0.38 -3.92 12.09
C VAL A 194 0.21 -4.40 10.64
N ASP A 195 1.29 -4.92 10.05
CA ASP A 195 1.18 -5.40 8.66
C ASP A 195 0.16 -6.53 8.58
N ALA A 196 0.24 -7.49 9.51
CA ALA A 196 -0.69 -8.61 9.50
C ALA A 196 -2.13 -8.08 9.61
N SER A 197 -2.37 -7.07 10.44
CA SER A 197 -3.75 -6.57 10.58
C SER A 197 -4.31 -6.06 9.23
N ARG A 198 -3.44 -5.44 8.43
CA ARG A 198 -3.87 -4.87 7.11
C ARG A 198 -4.18 -6.01 6.13
N GLU A 199 -3.33 -7.04 6.13
CA GLU A 199 -3.57 -8.18 5.26
C GLU A 199 -4.84 -8.96 5.69
N ILE A 200 -5.06 -9.09 7.00
CA ILE A 200 -6.27 -9.77 7.48
C ILE A 200 -7.53 -8.99 7.07
N THR A 201 -7.43 -7.67 7.10
CA THR A 201 -8.53 -6.81 6.71
C THR A 201 -9.01 -7.17 5.31
N SER A 202 -8.06 -7.52 4.44
CA SER A 202 -8.41 -7.81 3.04
C SER A 202 -9.13 -9.13 2.80
N LEU A 203 -9.15 -10.01 3.81
CA LEU A 203 -9.78 -11.34 3.69
C LEU A 203 -11.27 -11.25 3.49
N ASP A 204 -11.81 -12.22 2.75
CA ASP A 204 -13.26 -12.26 2.50
C ASP A 204 -14.06 -12.15 3.79
N GLY A 205 -14.99 -11.21 3.84
CA GLY A 205 -15.92 -11.11 4.98
C GLY A 205 -15.42 -10.32 6.19
N VAL A 206 -14.15 -9.95 6.20
CA VAL A 206 -13.64 -9.20 7.35
C VAL A 206 -14.09 -7.73 7.26
N LEU A 207 -14.57 -7.17 8.38
CA LEU A 207 -15.00 -5.76 8.41
C LEU A 207 -13.80 -4.92 8.87
N TYR A 208 -13.14 -5.35 9.95
CA TYR A 208 -11.90 -4.69 10.37
C TYR A 208 -11.02 -5.59 11.21
N ALA A 209 -9.77 -5.19 11.36
CA ALA A 209 -8.84 -6.00 12.17
C ALA A 209 -7.95 -5.04 12.94
N ILE A 210 -7.96 -5.16 14.27
CA ILE A 210 -7.21 -4.26 15.15
C ILE A 210 -5.87 -4.89 15.55
N PRO A 211 -4.75 -4.19 15.30
CA PRO A 211 -3.53 -4.69 15.95
C PRO A 211 -3.54 -4.25 17.42
N ASN A 212 -3.39 -5.24 18.30
CA ASN A 212 -3.48 -4.98 19.74
C ASN A 212 -2.10 -4.70 20.30
N LEU A 213 -1.70 -3.44 20.26
CA LEU A 213 -0.37 -3.02 20.71
C LEU A 213 -0.46 -1.90 21.70
N ARG A 214 0.45 -1.91 22.67
CA ARG A 214 0.54 -0.88 23.66
C ARG A 214 1.99 -0.47 23.79
N TYR A 215 2.20 0.67 24.43
CA TYR A 215 3.53 1.19 24.66
C TYR A 215 4.19 0.42 25.83
N TYR A 216 4.57 -0.83 25.56
CA TYR A 216 5.10 -1.69 26.61
C TYR A 216 6.41 -1.15 27.21
N GLU A 217 7.21 -0.49 26.38
CA GLU A 217 8.48 0.04 26.87
C GLU A 217 8.33 1.02 28.02
N GLY A 218 7.24 1.79 28.04
CA GLY A 218 7.03 2.72 29.12
C GLY A 218 6.77 2.02 30.45
N ILE A 219 6.13 0.84 30.41
CA ILE A 219 5.88 0.09 31.63
C ILE A 219 7.20 -0.31 32.27
N LEU A 220 8.19 -0.61 31.42
CA LEU A 220 9.53 -0.97 31.91
C LEU A 220 10.37 0.25 32.30
N PHE A 221 10.61 1.13 31.35
CA PHE A 221 11.63 2.15 31.58
C PHE A 221 11.10 3.32 32.40
N HIS A 222 9.78 3.49 32.45
CA HIS A 222 9.23 4.54 33.30
C HIS A 222 8.69 3.95 34.60
N GLU A 223 7.89 2.89 34.52
CA GLU A 223 7.25 2.33 35.73
C GLU A 223 8.08 1.24 36.43
N ASN A 224 9.08 0.69 35.76
CA ASN A 224 9.93 -0.36 36.34
C ASN A 224 9.13 -1.57 36.82
N ASP A 225 8.09 -1.94 36.05
CA ASP A 225 7.10 -2.95 36.47
C ASP A 225 7.11 -4.15 35.52
N ILE A 226 7.99 -5.11 35.78
CA ILE A 226 8.13 -6.27 34.90
C ILE A 226 6.87 -7.14 34.85
N HIS A 227 6.23 -7.36 36.00
CA HIS A 227 5.01 -8.20 36.05
C HIS A 227 3.94 -7.60 35.14
N LYS A 228 3.74 -6.28 35.24
CA LYS A 228 2.75 -5.61 34.39
C LYS A 228 3.13 -5.61 32.90
N PHE A 229 4.42 -5.40 32.60
CA PHE A 229 4.93 -5.55 31.25
C PHE A 229 4.56 -6.93 30.67
N LEU A 230 4.83 -7.96 31.45
CA LEU A 230 4.57 -9.34 31.00
C LEU A 230 3.08 -9.61 30.84
N SER A 231 2.29 -9.06 31.76
CA SER A 231 0.84 -9.19 31.60
C SER A 231 0.34 -8.54 30.32
N GLU A 232 0.79 -7.33 30.05
CA GLU A 232 0.31 -6.63 28.86
C GLU A 232 0.78 -7.27 27.54
N ILE A 233 2.02 -7.77 27.47
CA ILE A 233 2.43 -8.34 26.18
C ILE A 233 1.82 -9.72 25.94
N SER A 234 1.12 -10.29 26.91
CA SER A 234 0.48 -11.60 26.67
C SER A 234 -0.84 -11.50 25.91
N GLN A 235 -1.24 -10.27 25.56
CA GLN A 235 -2.53 -10.05 24.88
C GLN A 235 -2.52 -10.64 23.46
N PRO A 236 -3.69 -11.07 22.95
CA PRO A 236 -3.79 -11.52 21.56
C PRO A 236 -3.24 -10.47 20.61
N ALA A 237 -2.56 -10.87 19.52
CA ALA A 237 -1.95 -9.89 18.66
C ALA A 237 -2.97 -9.06 17.89
N ILE A 238 -4.07 -9.70 17.44
CA ILE A 238 -5.02 -9.04 16.56
C ILE A 238 -6.44 -9.41 16.99
N THR A 239 -7.35 -8.44 16.95
CA THR A 239 -8.78 -8.70 17.17
C THR A 239 -9.55 -8.34 15.88
N ILE A 240 -10.38 -9.27 15.43
CA ILE A 240 -10.98 -9.20 14.10
C ILE A 240 -12.48 -9.16 14.19
N SER A 241 -13.10 -8.23 13.46
CA SER A 241 -14.56 -8.21 13.31
C SER A 241 -14.90 -8.74 11.94
N THR A 242 -15.73 -9.80 11.86
CA THR A 242 -15.81 -10.51 10.58
C THR A 242 -17.09 -11.32 10.42
N LEU A 243 -17.59 -11.40 9.19
CA LEU A 243 -18.72 -12.24 8.90
C LEU A 243 -18.33 -13.70 8.82
N ASN A 244 -17.04 -13.94 8.57
CA ASN A 244 -16.52 -15.30 8.37
C ASN A 244 -15.46 -15.71 9.41
N ASP A 245 -15.40 -16.99 9.73
CA ASP A 245 -14.33 -17.45 10.63
C ASP A 245 -13.01 -17.50 9.90
N VAL A 246 -12.18 -16.49 10.14
CA VAL A 246 -10.89 -16.38 9.48
C VAL A 246 -9.70 -16.63 10.41
N LEU A 247 -9.93 -17.26 11.56
CA LEU A 247 -8.83 -17.47 12.52
C LEU A 247 -7.63 -18.17 11.88
N ASP A 248 -7.86 -19.28 11.17
CA ASP A 248 -6.77 -20.03 10.58
C ASP A 248 -6.03 -19.17 9.54
N GLU A 249 -6.79 -18.45 8.72
CA GLU A 249 -6.16 -17.55 7.72
C GLU A 249 -5.36 -16.44 8.40
N ALA A 250 -5.89 -15.95 9.51
CA ALA A 250 -5.18 -14.89 10.22
C ALA A 250 -3.90 -15.42 10.85
N GLU A 251 -3.96 -16.64 11.43
CA GLU A 251 -2.75 -17.22 11.98
C GLU A 251 -1.71 -17.44 10.90
N GLU A 252 -2.16 -17.88 9.72
CA GLU A 252 -1.27 -18.10 8.60
C GLU A 252 -0.63 -16.76 8.20
N ILE A 253 -1.42 -15.69 8.17
CA ILE A 253 -0.87 -14.39 7.80
C ILE A 253 0.19 -13.92 8.80
N LEU A 254 -0.08 -14.11 10.08
CA LEU A 254 0.89 -13.73 11.09
C LEU A 254 2.16 -14.56 10.95
N SER A 255 1.99 -15.84 10.67
CA SER A 255 3.12 -16.75 10.49
C SER A 255 3.95 -16.31 9.28
N ASN A 256 3.28 -15.95 8.18
CA ASN A 256 3.98 -15.53 6.96
C ASN A 256 4.76 -14.23 7.23
N ASN A 257 4.19 -13.31 8.00
CA ASN A 257 4.89 -12.07 8.29
C ASN A 257 6.08 -12.27 9.20
N ILE A 258 5.98 -13.21 10.14
CA ILE A 258 7.12 -13.60 10.95
C ILE A 258 8.21 -14.27 10.11
N ASN A 259 7.81 -15.10 9.15
CA ASN A 259 8.78 -15.86 8.35
C ASN A 259 9.57 -14.93 7.41
N LEU A 260 9.09 -13.70 7.24
CA LEU A 260 9.77 -12.67 6.43
C LEU A 260 10.95 -12.04 7.13
N ILE A 261 11.01 -12.22 8.44
CA ILE A 261 12.08 -11.61 9.23
C ILE A 261 13.31 -12.45 9.06
N TYR A 262 14.41 -11.79 8.75
CA TYR A 262 15.62 -12.53 8.39
C TYR A 262 16.76 -12.00 9.24
N SER A 263 17.44 -12.88 9.96
CA SER A 263 18.50 -12.45 10.88
C SER A 263 19.81 -13.16 10.47
N PHE A 264 20.93 -12.43 10.49
CA PHE A 264 22.21 -13.03 10.08
C PHE A 264 23.34 -12.29 10.74
N VAL A 265 24.48 -12.95 10.93
CA VAL A 265 25.67 -12.27 11.42
C VAL A 265 26.68 -11.98 10.31
N GLU A 266 27.03 -10.71 10.12
CA GLU A 266 28.08 -10.29 9.20
C GLU A 266 29.42 -10.46 9.89
N GLU A 267 30.31 -11.26 9.31
CA GLU A 267 31.64 -11.38 9.89
C GLU A 267 32.60 -10.32 9.35
N LEU A 268 33.30 -9.64 10.26
CA LEU A 268 34.27 -8.62 9.87
C LEU A 268 35.67 -9.24 9.83
N GLY B 9 -13.04 10.87 -29.18
CA GLY B 9 -12.59 9.55 -28.78
C GLY B 9 -13.72 8.58 -28.50
N ILE B 10 -13.61 7.88 -27.37
CA ILE B 10 -14.54 6.80 -27.02
C ILE B 10 -15.95 7.37 -26.78
N THR B 11 -16.04 8.49 -26.06
CA THR B 11 -17.29 9.22 -25.89
C THR B 11 -17.04 10.66 -25.41
N GLU B 12 -17.93 11.58 -25.82
CA GLU B 12 -17.84 13.01 -25.47
C GLU B 12 -17.46 13.39 -24.04
N MET B 13 -18.11 12.81 -23.04
CA MET B 13 -17.84 13.20 -21.66
C MET B 13 -16.47 12.75 -21.16
N VAL B 14 -15.90 11.75 -21.82
CA VAL B 14 -14.61 11.21 -21.38
C VAL B 14 -13.45 11.83 -22.15
N LYS B 15 -12.47 12.33 -21.42
CA LYS B 15 -11.30 12.95 -21.99
C LYS B 15 -10.07 12.07 -21.76
N THR B 16 -9.08 12.28 -22.62
CA THR B 16 -7.76 11.69 -22.38
C THR B 16 -6.75 12.79 -22.09
N ILE B 17 -6.02 12.66 -20.98
CA ILE B 17 -5.04 13.64 -20.56
C ILE B 17 -3.69 12.96 -20.32
N ASP B 18 -2.66 13.44 -21.00
CA ASP B 18 -1.28 13.09 -20.71
C ASP B 18 -0.70 14.08 -19.72
N THR B 19 0.12 13.60 -18.80
CA THR B 19 0.84 14.51 -17.92
C THR B 19 1.80 15.33 -18.78
N LYS B 20 2.12 16.54 -18.37
CA LYS B 20 3.18 17.29 -19.04
C LYS B 20 4.54 16.68 -18.65
N THR B 21 4.64 16.23 -17.41
CA THR B 21 5.86 15.57 -16.94
C THR B 21 6.11 14.32 -17.78
N ARG B 22 7.33 14.23 -18.30
CA ARG B 22 7.77 13.11 -19.13
C ARG B 22 8.50 12.09 -18.25
N VAL B 23 8.67 10.86 -18.76
CA VAL B 23 9.45 9.87 -18.00
C VAL B 23 10.84 10.45 -17.68
N VAL B 24 11.44 11.12 -18.66
CA VAL B 24 12.78 11.64 -18.45
C VAL B 24 12.80 12.73 -17.39
N ASP B 25 11.69 13.47 -17.25
CA ASP B 25 11.63 14.50 -16.22
C ASP B 25 11.67 13.83 -14.85
N VAL B 26 11.00 12.69 -14.70
CA VAL B 26 11.01 12.01 -13.42
C VAL B 26 12.47 11.55 -13.11
N THR B 27 13.14 11.00 -14.12
CA THR B 27 14.53 10.56 -13.89
C THR B 27 15.41 11.76 -13.49
N ASN B 28 15.20 12.93 -14.11
CA ASN B 28 15.97 14.15 -13.78
C ASN B 28 15.70 14.60 -12.34
N GLU B 29 14.45 14.50 -11.91
CA GLU B 29 14.13 14.92 -10.55
C GLU B 29 14.80 14.03 -9.52
N ILE B 30 14.87 12.74 -9.83
CA ILE B 30 15.50 11.78 -8.93
C ILE B 30 17.01 12.02 -8.90
N ALA B 31 17.63 12.24 -10.07
CA ALA B 31 19.05 12.60 -10.11
C ALA B 31 19.34 13.85 -9.28
N LYS B 32 18.43 14.83 -9.32
CA LYS B 32 18.63 16.06 -8.59
C LYS B 32 18.69 15.77 -7.06
N LYS B 33 17.85 14.89 -6.56
CA LYS B 33 17.85 14.53 -5.14
C LYS B 33 19.14 13.81 -4.76
N LYS B 34 19.56 12.91 -5.63
CA LYS B 34 20.80 12.19 -5.36
C LYS B 34 21.96 13.15 -5.32
N TYR B 35 22.00 14.07 -6.27
CA TYR B 35 23.13 14.98 -6.34
C TYR B 35 23.09 15.96 -5.16
N GLN B 36 21.90 16.37 -4.72
CA GLN B 36 21.85 17.27 -3.56
C GLN B 36 22.46 16.55 -2.33
N ALA B 37 22.29 15.23 -2.22
CA ALA B 37 22.90 14.51 -1.12
C ALA B 37 24.42 14.57 -1.25
N ILE B 38 24.93 14.38 -2.48
CA ILE B 38 26.38 14.44 -2.70
C ILE B 38 26.88 15.82 -2.32
N ARG B 39 26.18 16.84 -2.78
CA ARG B 39 26.56 18.22 -2.50
C ARG B 39 26.58 18.54 -0.98
N ASP B 40 25.60 18.03 -0.24
CA ASP B 40 25.56 18.28 1.20
C ASP B 40 26.77 17.61 1.88
N PHE B 41 27.15 16.43 1.39
CA PHE B 41 28.32 15.70 1.91
C PHE B 41 29.65 16.40 1.58
N LEU B 42 29.79 16.89 0.34
CA LEU B 42 31.05 17.48 -0.10
C LEU B 42 31.25 18.88 0.43
N GLU B 43 30.14 19.56 0.70
CA GLU B 43 30.17 20.94 1.19
C GLU B 43 30.99 21.85 0.27
N GLY B 44 30.95 21.58 -1.02
CA GLY B 44 31.63 22.46 -1.95
C GLY B 44 33.14 22.33 -1.98
N GLU B 45 33.69 21.26 -1.39
CA GLU B 45 35.13 21.06 -1.46
C GLU B 45 35.58 21.11 -2.92
N GLU B 46 36.74 21.71 -3.17
CA GLU B 46 37.22 21.83 -4.54
C GLU B 46 38.27 20.76 -4.87
N PHE B 47 38.25 20.29 -6.11
CA PHE B 47 39.07 19.16 -6.52
C PHE B 47 39.80 19.50 -7.81
N LYS B 48 41.01 18.98 -7.98
CA LYS B 48 41.77 19.18 -9.20
C LYS B 48 41.22 18.27 -10.29
N GLU B 49 40.87 17.05 -9.90
CA GLU B 49 40.53 16.04 -10.88
C GLU B 49 39.51 15.04 -10.33
N VAL B 50 38.35 15.00 -10.96
CA VAL B 50 37.27 14.17 -10.53
C VAL B 50 37.10 13.05 -11.54
N VAL B 51 36.93 11.83 -11.05
CA VAL B 51 36.61 10.72 -11.93
C VAL B 51 35.31 10.13 -11.44
N ILE B 52 34.34 10.05 -12.34
CA ILE B 52 33.05 9.44 -12.06
C ILE B 52 32.93 8.18 -12.88
N PHE B 53 32.64 7.04 -12.26
CA PHE B 53 32.42 5.77 -13.00
C PHE B 53 30.94 5.49 -13.13
N GLY B 54 30.46 5.32 -14.37
CA GLY B 54 29.07 4.93 -14.60
C GLY B 54 28.21 6.06 -15.11
N VAL B 55 27.96 6.05 -16.43
CA VAL B 55 27.14 7.09 -17.02
C VAL B 55 25.65 6.89 -16.73
N TYR B 56 25.15 5.67 -16.93
CA TYR B 56 23.69 5.44 -16.76
C TYR B 56 23.42 5.36 -15.26
N LEU B 57 22.39 6.05 -14.73
CA LEU B 57 21.50 6.92 -15.46
C LEU B 57 21.72 8.39 -15.04
N TRP B 58 22.64 8.67 -14.09
CA TRP B 58 22.79 10.08 -13.63
C TRP B 58 24.24 10.53 -13.58
N GLY B 59 25.12 9.81 -14.27
CA GLY B 59 26.54 10.11 -14.26
C GLY B 59 26.87 11.41 -14.98
N ASN B 60 26.22 11.66 -16.12
CA ASN B 60 26.41 12.91 -16.84
C ASN B 60 25.88 14.08 -16.01
N TYR B 61 24.72 13.94 -15.37
CA TYR B 61 24.21 15.03 -14.54
C TYR B 61 25.23 15.36 -13.43
N THR B 62 25.76 14.33 -12.78
CA THR B 62 26.78 14.49 -11.74
C THR B 62 28.01 15.19 -12.29
N ALA B 63 28.47 14.74 -13.45
CA ALA B 63 29.67 15.33 -14.05
C ALA B 63 29.45 16.81 -14.41
N GLN B 64 28.30 17.14 -14.99
CA GLN B 64 28.01 18.52 -15.34
C GLN B 64 28.03 19.39 -14.07
N MET B 65 27.44 18.90 -12.99
CA MET B 65 27.36 19.69 -11.76
C MET B 65 28.72 19.86 -11.09
N LEU B 66 29.51 18.79 -11.03
CA LEU B 66 30.80 18.85 -10.34
C LEU B 66 31.85 19.66 -11.11
N SER B 67 31.62 19.87 -12.40
CA SER B 67 32.62 20.53 -13.22
C SER B 67 32.86 21.99 -12.77
N LYS B 68 31.91 22.57 -12.06
CA LYS B 68 32.18 23.89 -11.48
C LYS B 68 33.06 23.81 -10.21
N TYR B 69 33.16 22.63 -9.60
CA TYR B 69 33.96 22.46 -8.40
C TYR B 69 35.29 21.78 -8.70
N ALA B 70 35.57 21.59 -9.98
CA ALA B 70 36.72 20.79 -10.37
C ALA B 70 37.42 21.38 -11.56
N ASP B 71 38.75 21.29 -11.58
CA ASP B 71 39.48 21.79 -12.73
C ASP B 71 39.22 20.85 -13.90
N LYS B 72 39.07 19.56 -13.59
CA LYS B 72 38.84 18.61 -14.66
C LYS B 72 37.95 17.48 -14.19
N VAL B 73 37.03 17.08 -15.06
CA VAL B 73 36.12 15.98 -14.75
C VAL B 73 36.18 14.91 -15.81
N TYR B 74 36.46 13.68 -15.40
CA TYR B 74 36.36 12.52 -16.29
C TYR B 74 35.13 11.72 -15.98
N LEU B 75 34.40 11.34 -17.02
CA LEU B 75 33.27 10.47 -16.84
C LEU B 75 33.60 9.18 -17.59
N VAL B 76 33.63 8.09 -16.86
CA VAL B 76 34.17 6.83 -17.38
C VAL B 76 33.12 5.74 -17.44
N ASP B 77 33.04 5.03 -18.57
CA ASP B 77 32.10 3.92 -18.65
C ASP B 77 32.70 2.75 -19.39
N ILE B 78 32.34 1.54 -18.95
CA ILE B 78 32.81 0.34 -19.62
C ILE B 78 32.26 0.24 -21.03
N HIS B 79 31.11 0.89 -21.32
CA HIS B 79 30.55 0.87 -22.66
C HIS B 79 30.81 2.17 -23.40
N GLU B 80 31.52 2.08 -24.53
CA GLU B 80 31.81 3.23 -25.34
C GLU B 80 30.53 3.91 -25.84
N PHE B 81 29.48 3.14 -26.09
CA PHE B 81 28.27 3.75 -26.65
C PHE B 81 27.62 4.76 -25.67
N MET B 82 27.95 4.66 -24.39
CA MET B 82 27.41 5.61 -23.41
C MET B 82 27.86 7.05 -23.68
N LYS B 83 28.87 7.23 -24.56
CA LYS B 83 29.31 8.56 -24.98
C LYS B 83 28.16 9.36 -25.54
N GLY B 84 27.18 8.67 -26.11
CA GLY B 84 26.03 9.33 -26.69
C GLY B 84 25.20 10.15 -25.72
N PHE B 85 25.36 9.86 -24.44
CA PHE B 85 24.67 10.59 -23.38
C PHE B 85 25.46 11.81 -22.86
N VAL B 86 26.71 11.93 -23.30
CA VAL B 86 27.61 12.98 -22.85
C VAL B 86 27.92 13.99 -23.94
N PRO B 87 27.57 15.28 -23.75
CA PRO B 87 27.90 16.23 -24.83
C PRO B 87 29.41 16.24 -25.18
N ASN B 88 29.70 16.55 -26.44
CA ASN B 88 31.05 16.53 -26.99
C ASN B 88 32.08 17.50 -26.42
N ASN B 89 31.62 18.63 -25.93
CA ASN B 89 32.50 19.73 -25.57
C ASN B 89 32.19 20.31 -24.21
N ASN B 90 33.26 20.80 -23.58
CA ASN B 90 33.32 21.59 -22.34
C ASN B 90 34.49 21.00 -21.58
N SER B 91 34.41 21.05 -20.26
CA SER B 91 35.48 20.53 -19.43
C SER B 91 35.24 19.08 -19.02
N ILE B 92 34.13 18.51 -19.47
CA ILE B 92 33.85 17.11 -19.14
C ILE B 92 34.35 16.21 -20.25
N LYS B 93 35.12 15.20 -19.87
CA LYS B 93 35.71 14.31 -20.82
C LYS B 93 35.22 12.89 -20.61
N PHE B 94 34.53 12.34 -21.60
CA PHE B 94 34.17 10.94 -21.56
C PHE B 94 35.35 10.05 -21.94
N LEU B 95 35.56 8.98 -21.18
CA LEU B 95 36.53 7.95 -21.54
C LEU B 95 35.87 6.59 -21.37
N ASN B 96 36.13 5.66 -22.27
CA ASN B 96 35.73 4.31 -21.93
C ASN B 96 36.75 3.73 -20.92
N LEU B 97 36.43 2.60 -20.30
CA LEU B 97 37.23 2.09 -19.19
C LEU B 97 38.63 1.74 -19.66
N ASN B 98 38.73 1.18 -20.86
CA ASN B 98 40.08 0.86 -21.39
C ASN B 98 40.92 2.12 -21.60
N GLU B 99 40.31 3.15 -22.15
CA GLU B 99 41.00 4.43 -22.36
C GLU B 99 41.44 5.03 -21.03
N PHE B 100 40.60 4.90 -20.00
CA PHE B 100 40.96 5.44 -18.69
C PHE B 100 42.15 4.65 -18.08
N LYS B 101 42.10 3.33 -18.18
CA LYS B 101 43.22 2.52 -17.67
C LYS B 101 44.54 2.88 -18.35
N LEU B 102 44.52 3.12 -19.66
CA LEU B 102 45.73 3.53 -20.36
C LEU B 102 46.22 4.91 -19.88
N LYS B 103 45.30 5.86 -19.70
CA LYS B 103 45.68 7.14 -19.13
C LYS B 103 46.32 6.94 -17.76
N PHE B 104 45.76 6.02 -16.99
CA PHE B 104 46.28 5.76 -15.65
C PHE B 104 47.71 5.24 -15.68
N ILE B 105 47.98 4.18 -16.46
CA ILE B 105 49.33 3.63 -16.45
C ILE B 105 50.34 4.57 -17.09
N ARG B 106 49.87 5.48 -17.95
CA ARG B 106 50.75 6.50 -18.54
C ARG B 106 51.02 7.64 -17.54
N GLY B 107 50.39 7.57 -16.38
CA GLY B 107 50.55 8.56 -15.33
C GLY B 107 49.83 9.87 -15.57
N GLU B 108 48.75 9.84 -16.34
CA GLU B 108 48.12 11.08 -16.79
C GLU B 108 46.85 11.41 -16.05
N VAL B 109 46.43 10.52 -15.17
CA VAL B 109 45.29 10.80 -14.31
C VAL B 109 45.58 10.39 -12.86
N ASN B 110 45.10 11.19 -11.91
CA ASN B 110 45.34 10.97 -10.49
C ASN B 110 44.27 11.68 -9.67
N PRO B 111 43.05 11.14 -9.69
CA PRO B 111 41.93 11.92 -9.14
C PRO B 111 41.97 12.16 -7.63
N ASP B 112 41.56 13.36 -7.19
CA ASP B 112 41.41 13.56 -5.76
C ASP B 112 39.95 13.35 -5.31
N LEU B 113 39.01 13.24 -6.25
CA LEU B 113 37.64 12.76 -5.96
C LEU B 113 37.24 11.61 -6.89
N ILE B 114 36.79 10.49 -6.32
CA ILE B 114 36.25 9.43 -7.15
C ILE B 114 34.81 9.16 -6.72
N VAL B 115 33.93 9.12 -7.71
CA VAL B 115 32.52 8.80 -7.48
C VAL B 115 32.18 7.54 -8.26
N ASP B 116 31.80 6.48 -7.55
CA ASP B 116 31.47 5.22 -8.20
C ASP B 116 29.98 4.99 -8.23
N LEU B 117 29.39 5.14 -9.42
CA LEU B 117 27.95 4.96 -9.60
C LEU B 117 27.62 3.63 -10.30
N THR B 118 28.61 2.72 -10.39
CA THR B 118 28.41 1.55 -11.22
C THR B 118 27.45 0.50 -10.61
N GLY B 119 27.25 0.48 -9.30
CA GLY B 119 26.25 -0.41 -8.71
C GLY B 119 26.52 -1.92 -8.83
N LEU B 120 25.46 -2.74 -8.89
CA LEU B 120 25.65 -4.20 -8.89
C LEU B 120 26.44 -4.67 -10.08
N GLY B 121 27.40 -5.55 -9.86
CA GLY B 121 28.19 -6.07 -10.96
C GLY B 121 29.11 -5.02 -11.57
N GLY B 122 29.43 -4.00 -10.79
CA GLY B 122 30.19 -2.88 -11.30
C GLY B 122 31.69 -2.97 -11.21
N ILE B 123 32.30 -1.82 -10.94
CA ILE B 123 33.73 -1.69 -10.96
C ILE B 123 34.36 -2.49 -9.82
N GLU B 124 35.55 -3.01 -10.08
CA GLU B 124 36.25 -3.88 -9.15
C GLU B 124 36.92 -3.12 -8.02
N PRO B 125 36.75 -3.59 -6.79
CA PRO B 125 37.48 -3.05 -5.65
C PRO B 125 38.98 -3.01 -5.90
N GLU B 126 39.51 -4.05 -6.53
CA GLU B 126 40.95 -4.15 -6.72
C GLU B 126 41.43 -3.03 -7.65
N PHE B 127 40.60 -2.65 -8.63
CA PHE B 127 40.97 -1.55 -9.51
C PHE B 127 40.87 -0.22 -8.75
N LEU B 128 39.79 -0.03 -8.02
CA LEU B 128 39.60 1.19 -7.23
C LEU B 128 40.78 1.41 -6.29
N ALA B 129 41.31 0.31 -5.75
CA ALA B 129 42.38 0.31 -4.75
C ALA B 129 43.68 0.85 -5.30
N LYS B 130 43.75 1.04 -6.62
CA LYS B 130 44.95 1.60 -7.21
C LYS B 130 45.05 3.12 -7.06
N PHE B 131 43.96 3.75 -6.61
CA PHE B 131 43.90 5.21 -6.53
C PHE B 131 44.04 5.74 -5.11
N ASN B 132 44.30 7.04 -4.99
CA ASN B 132 44.55 7.65 -3.71
C ASN B 132 43.79 8.98 -3.60
N PRO B 133 42.45 8.95 -3.68
CA PRO B 133 41.70 10.22 -3.65
C PRO B 133 41.64 10.86 -2.26
N LYS B 134 41.34 12.15 -2.20
CA LYS B 134 41.01 12.82 -0.93
C LYS B 134 39.65 12.36 -0.44
N VAL B 135 38.72 12.18 -1.40
CA VAL B 135 37.34 11.81 -1.09
C VAL B 135 36.88 10.69 -2.03
N PHE B 136 36.22 9.69 -1.47
CA PHE B 136 35.67 8.60 -2.28
C PHE B 136 34.21 8.42 -1.97
N ILE B 137 33.37 8.42 -3.02
CA ILE B 137 31.93 8.21 -2.81
C ILE B 137 31.48 7.02 -3.62
N VAL B 138 30.78 6.09 -3.00
CA VAL B 138 30.22 4.96 -3.75
C VAL B 138 28.71 4.96 -3.59
N GLU B 139 27.98 4.77 -4.69
CA GLU B 139 26.53 4.65 -4.59
C GLU B 139 26.14 3.22 -4.21
N ASP B 140 25.43 3.08 -3.10
CA ASP B 140 24.90 1.78 -2.66
C ASP B 140 23.68 1.42 -3.52
N PRO B 141 23.74 0.31 -4.29
CA PRO B 141 22.61 -0.03 -5.18
C PRO B 141 21.44 -0.66 -4.44
N LYS B 142 21.62 -0.93 -3.16
CA LYS B 142 20.58 -1.69 -2.43
C LYS B 142 19.38 -0.80 -2.15
N GLY B 143 18.23 -1.43 -2.01
CA GLY B 143 17.04 -0.72 -1.56
C GLY B 143 16.58 -1.33 -0.25
N VAL B 144 15.29 -1.63 -0.17
CA VAL B 144 14.76 -2.37 0.97
CA VAL B 144 14.77 -2.36 0.98
C VAL B 144 15.40 -3.77 0.95
N PHE B 145 15.60 -4.32 2.14
CA PHE B 145 16.35 -5.61 2.25
C PHE B 145 15.80 -6.71 1.37
N ASP B 146 16.70 -7.33 0.62
CA ASP B 146 16.37 -8.49 -0.22
C ASP B 146 17.59 -9.39 -0.12
N VAL B 147 17.41 -10.64 0.31
CA VAL B 147 18.58 -11.47 0.60
CA VAL B 147 18.54 -11.55 0.56
C VAL B 147 19.50 -11.62 -0.63
N ASP B 148 18.94 -11.78 -1.82
CA ASP B 148 19.79 -12.03 -2.97
C ASP B 148 20.45 -10.75 -3.46
N ILE B 149 19.74 -9.64 -3.42
CA ILE B 149 20.31 -8.35 -3.84
C ILE B 149 21.42 -7.94 -2.84
N TYR B 150 21.15 -8.17 -1.57
CA TYR B 150 22.12 -7.84 -0.54
C TYR B 150 23.40 -8.66 -0.76
N GLU B 151 23.22 -9.95 -1.09
CA GLU B 151 24.37 -10.82 -1.31
C GLU B 151 25.17 -10.40 -2.54
N ALA B 152 24.48 -9.83 -3.54
CA ALA B 152 25.10 -9.42 -4.79
C ALA B 152 25.88 -8.10 -4.65
N ASP B 153 25.53 -7.33 -3.63
CA ASP B 153 26.16 -6.04 -3.36
C ASP B 153 27.56 -6.18 -2.71
N ASN B 154 28.55 -5.39 -3.16
CA ASN B 154 29.83 -5.42 -2.47
C ASN B 154 30.33 -3.98 -2.23
N THR B 155 29.37 -3.09 -1.99
CA THR B 155 29.66 -1.69 -1.71
C THR B 155 30.74 -1.46 -0.67
N TYR B 156 30.72 -2.20 0.45
CA TYR B 156 31.69 -1.91 1.49
C TYR B 156 33.06 -2.53 1.22
N LYS B 157 33.11 -3.40 0.22
CA LYS B 157 34.39 -3.91 -0.22
C LYS B 157 35.09 -2.85 -1.01
N ARG B 158 34.29 -2.03 -1.71
CA ARG B 158 34.81 -0.92 -2.51
C ARG B 158 35.34 0.23 -1.62
N THR B 159 34.72 0.43 -0.47
CA THR B 159 35.18 1.50 0.41
C THR B 159 36.43 1.12 1.19
N ALA B 160 36.66 -0.18 1.40
CA ALA B 160 37.70 -0.66 2.29
C ALA B 160 39.11 -0.11 2.02
N PRO B 161 39.54 -0.05 0.74
CA PRO B 161 40.91 0.48 0.56
C PRO B 161 41.09 1.97 0.88
N PHE B 162 40.00 2.66 1.14
CA PHE B 162 40.04 4.12 1.29
C PHE B 162 39.75 4.63 2.70
N ILE B 163 39.19 3.77 3.53
CA ILE B 163 38.79 4.17 4.86
C ILE B 163 39.91 4.86 5.62
N GLU B 164 41.15 4.45 5.40
CA GLU B 164 42.13 4.94 6.33
C GLU B 164 42.70 6.29 5.92
N LYS B 165 42.65 6.64 4.63
CA LYS B 165 43.34 7.82 4.14
C LYS B 165 42.41 8.88 3.57
N ALA B 166 41.17 8.49 3.32
CA ALA B 166 40.28 9.44 2.65
C ALA B 166 39.01 9.65 3.43
N LYS B 167 38.29 10.70 3.06
CA LYS B 167 36.93 10.89 3.50
C LYS B 167 36.05 9.99 2.65
N VAL B 168 35.29 9.12 3.28
CA VAL B 168 34.56 8.11 2.50
C VAL B 168 33.07 8.21 2.75
N GLY B 169 32.30 8.20 1.66
CA GLY B 169 30.85 8.29 1.75
C GLY B 169 30.14 7.23 0.93
N VAL B 170 29.03 6.74 1.49
CA VAL B 170 28.18 5.79 0.78
C VAL B 170 26.82 6.44 0.57
N LEU B 171 26.41 6.57 -0.69
CA LEU B 171 25.13 7.26 -1.03
C LEU B 171 23.95 6.31 -0.97
N LYS B 172 22.94 6.64 -0.15
CA LYS B 172 21.78 5.79 0.00
C LYS B 172 20.56 6.54 -0.48
N THR B 173 19.72 5.90 -1.27
CA THR B 173 18.53 6.56 -1.83
C THR B 173 17.40 5.57 -1.75
N TYR B 174 16.27 6.03 -1.24
CA TYR B 174 15.11 5.15 -0.99
C TYR B 174 13.83 5.98 -0.98
N ARG B 175 12.69 5.27 -0.94
CA ARG B 175 11.40 5.93 -0.85
C ARG B 175 10.77 5.75 0.51
N LYS B 176 10.34 6.84 1.14
CA LYS B 176 9.71 6.74 2.45
C LYS B 176 8.33 6.12 2.35
N ALA B 177 8.11 5.14 3.22
CA ALA B 177 6.83 4.44 3.37
C ALA B 177 6.47 3.65 2.12
N ARG B 178 7.49 3.28 1.36
CA ARG B 178 7.29 2.47 0.16
C ARG B 178 8.41 1.49 0.06
N VAL B 179 8.19 0.48 -0.78
CA VAL B 179 9.19 -0.54 -1.00
C VAL B 179 9.75 -0.32 -2.42
N SER B 180 11.06 -0.11 -2.51
CA SER B 180 11.74 -0.23 -3.78
C SER B 180 12.90 -1.16 -3.53
N LYS B 181 13.19 -2.02 -4.51
CA LYS B 181 14.16 -3.11 -4.34
C LYS B 181 15.59 -2.69 -4.61
N THR B 182 15.77 -1.56 -5.30
CA THR B 182 17.13 -1.02 -5.48
C THR B 182 17.04 0.50 -5.32
N SER B 183 18.19 1.13 -5.27
CA SER B 183 18.27 2.60 -5.28
C SER B 183 18.50 3.10 -6.71
N GLY B 184 18.45 2.20 -7.69
CA GLY B 184 18.69 2.63 -9.07
C GLY B 184 17.76 3.73 -9.58
N THR B 185 18.29 4.70 -10.30
CA THR B 185 17.48 5.81 -10.77
C THR B 185 16.30 5.27 -11.58
N MET B 186 16.57 4.26 -12.42
CA MET B 186 15.46 3.70 -13.22
C MET B 186 14.43 2.93 -12.37
N THR B 187 14.90 2.08 -11.46
CA THR B 187 13.99 1.39 -10.53
C THR B 187 13.07 2.33 -9.80
N LEU B 188 13.67 3.41 -9.28
CA LEU B 188 12.89 4.45 -8.56
C LEU B 188 11.92 5.21 -9.48
N THR B 189 12.32 5.40 -10.73
CA THR B 189 11.46 6.03 -11.72
C THR B 189 10.25 5.17 -11.99
N ILE B 190 10.49 3.89 -12.23
CA ILE B 190 9.42 2.94 -12.47
C ILE B 190 8.46 2.93 -11.31
N ASP B 191 8.99 2.78 -10.10
CA ASP B 191 8.12 2.62 -8.94
C ASP B 191 7.34 3.89 -8.63
N THR B 192 7.98 5.02 -8.80
CA THR B 192 7.33 6.33 -8.65
C THR B 192 6.18 6.54 -9.62
N ILE B 193 6.41 6.19 -10.88
CA ILE B 193 5.38 6.44 -11.88
C ILE B 193 4.22 5.46 -11.69
N VAL B 194 4.55 4.20 -11.39
CA VAL B 194 3.47 3.25 -11.18
C VAL B 194 2.63 3.69 -9.96
N ASP B 195 3.30 4.04 -8.88
CA ASP B 195 2.54 4.46 -7.69
C ASP B 195 1.69 5.69 -7.92
N ALA B 196 2.27 6.68 -8.60
CA ALA B 196 1.54 7.93 -8.93
C ALA B 196 0.32 7.60 -9.80
N SER B 197 0.46 6.68 -10.73
CA SER B 197 -0.69 6.34 -11.57
C SER B 197 -1.83 5.76 -10.72
N ARG B 198 -1.52 4.99 -9.68
CA ARG B 198 -2.56 4.40 -8.83
C ARG B 198 -3.26 5.49 -8.03
N GLU B 199 -2.47 6.44 -7.53
CA GLU B 199 -3.09 7.50 -6.73
C GLU B 199 -3.94 8.45 -7.61
N ILE B 200 -3.48 8.71 -8.83
CA ILE B 200 -4.23 9.54 -9.77
C ILE B 200 -5.58 8.88 -10.08
N THR B 201 -5.60 7.56 -10.17
CA THR B 201 -6.81 6.80 -10.43
C THR B 201 -7.89 7.16 -9.43
N SER B 202 -7.48 7.43 -8.18
CA SER B 202 -8.46 7.72 -7.12
C SER B 202 -9.13 9.12 -7.21
N LEU B 203 -8.64 10.00 -8.07
CA LEU B 203 -9.25 11.31 -8.19
C LEU B 203 -10.69 11.17 -8.69
N ASP B 204 -11.57 12.02 -8.20
CA ASP B 204 -12.94 12.08 -8.72
C ASP B 204 -13.01 12.14 -10.23
N GLY B 205 -13.80 11.24 -10.81
CA GLY B 205 -14.02 11.29 -12.23
C GLY B 205 -13.00 10.57 -13.06
N VAL B 206 -11.89 10.12 -12.43
CA VAL B 206 -10.89 9.39 -13.24
C VAL B 206 -11.35 7.95 -13.45
N LEU B 207 -11.23 7.47 -14.69
CA LEU B 207 -11.58 6.09 -15.04
CA LEU B 207 -11.59 6.09 -15.00
C LEU B 207 -10.39 5.15 -14.92
N TYR B 208 -9.25 5.57 -15.46
CA TYR B 208 -8.02 4.75 -15.29
C TYR B 208 -6.82 5.63 -15.55
N ALA B 209 -5.64 5.18 -15.15
CA ALA B 209 -4.41 5.92 -15.42
C ALA B 209 -3.33 4.93 -15.74
N ILE B 210 -2.72 5.08 -16.92
CA ILE B 210 -1.65 4.18 -17.37
C ILE B 210 -0.27 4.76 -17.09
N PRO B 211 0.59 4.01 -16.40
CA PRO B 211 2.01 4.40 -16.32
C PRO B 211 2.65 4.02 -17.64
N ASN B 212 3.27 5.01 -18.28
CA ASN B 212 3.87 4.80 -19.60
C ASN B 212 5.34 4.42 -19.47
N LEU B 213 5.62 3.14 -19.30
CA LEU B 213 6.97 2.72 -19.06
C LEU B 213 7.33 1.69 -20.10
N ARG B 214 8.59 1.68 -20.46
CA ARG B 214 9.11 0.68 -21.39
C ARG B 214 10.29 0.07 -20.72
N TYR B 215 10.78 -1.06 -21.26
CA TYR B 215 11.91 -1.73 -20.69
C TYR B 215 13.21 -1.08 -21.21
N TYR B 216 13.54 0.10 -20.67
CA TYR B 216 14.65 0.90 -21.19
C TYR B 216 15.99 0.21 -21.06
N GLU B 217 16.18 -0.58 -20.00
CA GLU B 217 17.46 -1.26 -19.86
C GLU B 217 17.69 -2.29 -20.94
N GLY B 218 16.64 -3.00 -21.37
CA GLY B 218 16.85 -3.92 -22.47
C GLY B 218 17.12 -3.17 -23.77
N ILE B 219 16.46 -2.03 -23.94
CA ILE B 219 16.65 -1.23 -25.15
C ILE B 219 18.09 -0.70 -25.27
N LEU B 220 18.62 -0.23 -24.16
CA LEU B 220 19.95 0.37 -24.16
C LEU B 220 21.03 -0.70 -24.09
N PHE B 221 20.95 -1.55 -23.10
CA PHE B 221 22.05 -2.47 -22.85
C PHE B 221 22.01 -3.75 -23.64
N HIS B 222 20.82 -4.17 -24.08
CA HIS B 222 20.79 -5.41 -24.86
C HIS B 222 20.78 -5.06 -26.35
N GLU B 223 19.95 -4.12 -26.75
CA GLU B 223 19.84 -3.75 -28.17
C GLU B 223 20.79 -2.61 -28.56
N ASN B 224 21.37 -1.93 -27.58
CA ASN B 224 22.24 -0.77 -27.84
C ASN B 224 21.52 0.28 -28.68
N ASP B 225 20.22 0.44 -28.45
CA ASP B 225 19.41 1.29 -29.31
C ASP B 225 19.12 2.59 -28.57
N ILE B 226 20.12 3.47 -28.60
CA ILE B 226 20.03 4.76 -27.94
C ILE B 226 18.93 5.57 -28.58
N HIS B 227 18.79 5.41 -29.90
CA HIS B 227 17.79 6.11 -30.68
C HIS B 227 16.39 5.88 -30.11
N LYS B 228 16.05 4.61 -29.87
CA LYS B 228 14.74 4.27 -29.33
C LYS B 228 14.63 4.64 -27.84
N PHE B 229 15.71 4.44 -27.09
CA PHE B 229 15.77 4.85 -25.69
C PHE B 229 15.38 6.35 -25.54
N LEU B 230 16.02 7.20 -26.34
CA LEU B 230 15.79 8.64 -26.24
C LEU B 230 14.38 9.06 -26.62
N SER B 231 13.86 8.44 -27.67
CA SER B 231 12.48 8.69 -28.08
C SER B 231 11.49 8.26 -27.00
N GLU B 232 11.70 7.07 -26.45
CA GLU B 232 10.75 6.52 -25.51
C GLU B 232 10.73 7.24 -24.16
N ILE B 233 11.91 7.66 -23.68
CA ILE B 233 11.96 8.27 -22.35
C ILE B 233 11.39 9.69 -22.39
N SER B 234 11.25 10.23 -23.59
CA SER B 234 10.68 11.59 -23.73
C SER B 234 9.14 11.57 -23.64
N GLN B 235 8.55 10.38 -23.57
CA GLN B 235 7.08 10.32 -23.56
C GLN B 235 6.48 10.81 -22.23
N PRO B 236 5.23 11.31 -22.27
CA PRO B 236 4.55 11.62 -21.00
C PRO B 236 4.54 10.47 -20.02
N ALA B 237 4.70 10.78 -18.73
CA ALA B 237 4.82 9.74 -17.74
C ALA B 237 3.53 8.93 -17.56
N ILE B 238 2.38 9.60 -17.63
CA ILE B 238 1.10 8.95 -17.30
C ILE B 238 0.04 9.44 -18.27
N THR B 239 -0.81 8.51 -18.73
CA THR B 239 -1.94 8.84 -19.58
C THR B 239 -3.24 8.53 -18.82
N ILE B 240 -4.14 9.48 -18.77
CA ILE B 240 -5.31 9.39 -17.88
C ILE B 240 -6.59 9.43 -18.69
N SER B 241 -7.51 8.49 -18.42
CA SER B 241 -8.88 8.57 -18.97
C SER B 241 -9.79 9.13 -17.88
N THR B 242 -10.48 10.22 -18.17
CA THR B 242 -11.10 10.98 -17.07
C THR B 242 -12.30 11.83 -17.51
N LEU B 243 -13.28 11.96 -16.61
CA LEU B 243 -14.42 12.85 -16.90
C LEU B 243 -14.07 14.33 -16.73
N ASN B 244 -13.06 14.61 -15.92
CA ASN B 244 -12.73 15.99 -15.57
C ASN B 244 -11.29 16.34 -15.94
N ASP B 245 -11.01 17.63 -16.10
CA ASP B 245 -9.62 18.06 -16.27
C ASP B 245 -8.87 17.94 -14.95
N VAL B 246 -8.12 16.86 -14.80
CA VAL B 246 -7.38 16.61 -13.58
C VAL B 246 -5.88 16.80 -13.76
N LEU B 247 -5.46 17.48 -14.83
CA LEU B 247 -4.01 17.62 -15.09
C LEU B 247 -3.25 18.25 -13.92
N ASP B 248 -3.69 19.39 -13.37
CA ASP B 248 -2.94 19.96 -12.23
C ASP B 248 -2.91 19.00 -11.04
N GLU B 249 -4.06 18.39 -10.74
CA GLU B 249 -4.10 17.46 -9.61
C GLU B 249 -3.18 16.29 -9.86
N ALA B 250 -3.10 15.84 -11.11
CA ALA B 250 -2.25 14.65 -11.38
C ALA B 250 -0.78 15.00 -11.26
N GLU B 251 -0.42 16.20 -11.74
CA GLU B 251 0.97 16.68 -11.62
C GLU B 251 1.35 16.84 -10.17
N GLU B 252 0.42 17.31 -9.34
CA GLU B 252 0.69 17.43 -7.91
C GLU B 252 0.93 16.05 -7.29
N ILE B 253 0.13 15.06 -7.67
CA ILE B 253 0.32 13.70 -7.15
C ILE B 253 1.66 13.14 -7.59
N LEU B 254 2.02 13.38 -8.84
CA LEU B 254 3.28 12.89 -9.33
C LEU B 254 4.41 13.54 -8.55
N SER B 255 4.31 14.84 -8.29
CA SER B 255 5.34 15.54 -7.52
C SER B 255 5.43 15.03 -6.08
N ASN B 256 4.27 14.79 -5.47
CA ASN B 256 4.27 14.27 -4.10
C ASN B 256 4.95 12.90 -4.02
N ASN B 257 4.74 12.05 -5.05
CA ASN B 257 5.37 10.72 -5.07
C ASN B 257 6.87 10.84 -5.33
N ILE B 258 7.27 11.79 -6.19
CA ILE B 258 8.72 12.03 -6.39
C ILE B 258 9.36 12.49 -5.07
N ASN B 259 8.62 13.30 -4.33
CA ASN B 259 9.13 13.83 -3.08
C ASN B 259 9.15 12.83 -1.91
N LEU B 260 8.66 11.63 -2.16
CA LEU B 260 8.88 10.55 -1.18
C LEU B 260 10.34 10.01 -1.24
N ILE B 261 11.06 10.39 -2.28
CA ILE B 261 12.43 9.90 -2.44
C ILE B 261 13.39 10.74 -1.61
N TYR B 262 14.17 10.03 -0.80
CA TYR B 262 15.13 10.60 0.13
C TYR B 262 16.50 10.04 -0.14
N SER B 263 17.50 10.89 -0.05
CA SER B 263 18.88 10.50 -0.33
C SER B 263 19.79 11.10 0.74
N PHE B 264 20.81 10.35 1.17
CA PHE B 264 21.84 10.89 2.05
C PHE B 264 23.14 10.14 1.87
N VAL B 265 24.24 10.79 2.21
CA VAL B 265 25.51 10.10 2.18
C VAL B 265 25.94 9.71 3.59
N GLU B 266 26.14 8.43 3.77
CA GLU B 266 26.65 7.92 5.03
C GLU B 266 28.15 8.13 5.04
N GLU B 267 28.68 8.87 6.02
CA GLU B 267 30.13 9.05 6.12
C GLU B 267 30.73 7.89 6.91
N LEU B 268 31.76 7.27 6.36
CA LEU B 268 32.34 6.15 7.06
C LEU B 268 33.48 6.62 7.96
N GLY C 9 13.31 7.74 29.38
CA GLY C 9 12.81 6.52 28.78
C GLY C 9 13.92 5.51 28.51
N ILE C 10 13.90 4.92 27.32
CA ILE C 10 14.80 3.83 27.01
C ILE C 10 16.29 4.27 26.92
N THR C 11 16.53 5.44 26.33
CA THR C 11 17.86 6.05 26.31
C THR C 11 17.67 7.55 26.00
N GLU C 12 18.57 8.39 26.51
CA GLU C 12 18.49 9.86 26.38
C GLU C 12 18.10 10.40 24.99
N MET C 13 18.68 9.88 23.92
CA MET C 13 18.41 10.40 22.61
C MET C 13 16.99 10.09 22.10
N VAL C 14 16.34 9.09 22.68
CA VAL C 14 15.05 8.66 22.19
C VAL C 14 13.89 9.21 23.02
N LYS C 15 12.94 9.83 22.35
CA LYS C 15 11.77 10.43 22.99
C LYS C 15 10.51 9.64 22.67
N THR C 16 9.51 9.76 23.53
CA THR C 16 8.19 9.20 23.26
C THR C 16 7.20 10.34 23.10
N ILE C 17 6.43 10.33 22.02
CA ILE C 17 5.50 11.41 21.71
C ILE C 17 4.12 10.83 21.46
N ASP C 18 3.12 11.30 22.20
CA ASP C 18 1.70 10.99 21.86
C ASP C 18 1.12 12.08 20.97
N THR C 19 0.30 11.71 20.00
CA THR C 19 -0.38 12.75 19.23
C THR C 19 -1.34 13.51 20.15
N LYS C 20 -1.60 14.78 19.81
CA LYS C 20 -2.67 15.53 20.51
C LYS C 20 -4.02 14.98 20.07
N THR C 21 -4.12 14.64 18.80
CA THR C 21 -5.34 14.03 18.27
C THR C 21 -5.64 12.69 18.95
N ARG C 22 -6.88 12.55 19.47
CA ARG C 22 -7.31 11.33 20.14
C ARG C 22 -8.09 10.41 19.19
N VAL C 23 -8.26 9.15 19.58
CA VAL C 23 -9.08 8.27 18.73
C VAL C 23 -10.48 8.88 18.53
N VAL C 24 -11.06 9.43 19.60
CA VAL C 24 -12.39 10.01 19.52
C VAL C 24 -12.44 11.24 18.62
N ASP C 25 -11.31 11.94 18.49
CA ASP C 25 -11.26 13.06 17.58
C ASP C 25 -11.43 12.59 16.14
N VAL C 26 -10.85 11.46 15.81
CA VAL C 26 -10.96 10.93 14.45
C VAL C 26 -12.39 10.51 14.20
N THR C 27 -12.97 9.81 15.16
CA THR C 27 -14.36 9.37 15.00
C THR C 27 -15.29 10.58 14.86
N ASN C 28 -15.06 11.64 15.66
CA ASN C 28 -15.86 12.86 15.53
C ASN C 28 -15.70 13.51 14.15
N GLU C 29 -14.47 13.53 13.59
CA GLU C 29 -14.28 14.15 12.27
C GLU C 29 -15.03 13.34 11.21
N ILE C 30 -15.05 12.03 11.35
CA ILE C 30 -15.77 11.20 10.39
C ILE C 30 -17.29 11.40 10.52
N ALA C 31 -17.79 11.43 11.75
CA ALA C 31 -19.21 11.74 11.96
C ALA C 31 -19.60 13.09 11.35
N LYS C 32 -18.72 14.11 11.45
CA LYS C 32 -18.99 15.43 10.90
C LYS C 32 -19.12 15.33 9.39
N LYS C 33 -18.23 14.56 8.77
CA LYS C 33 -18.27 14.43 7.32
C LYS C 33 -19.54 13.73 6.88
N LYS C 34 -19.93 12.69 7.61
CA LYS C 34 -21.18 12.00 7.26
C LYS C 34 -22.37 12.94 7.40
N TYR C 35 -22.41 13.70 8.49
CA TYR C 35 -23.54 14.55 8.72
C TYR C 35 -23.62 15.68 7.69
N GLN C 36 -22.47 16.22 7.31
CA GLN C 36 -22.47 17.31 6.34
C GLN C 36 -23.02 16.81 5.01
N ALA C 37 -22.79 15.54 4.68
CA ALA C 37 -23.38 14.97 3.47
C ALA C 37 -24.91 14.95 3.59
N ILE C 38 -25.42 14.54 4.76
CA ILE C 38 -26.87 14.58 5.00
C ILE C 38 -27.42 16.00 4.95
N ARG C 39 -26.71 16.93 5.57
CA ARG C 39 -27.15 18.31 5.58
C ARG C 39 -27.28 18.90 4.17
N ASP C 40 -26.30 18.59 3.32
CA ASP C 40 -26.28 19.06 1.95
C ASP C 40 -27.45 18.51 1.17
N PHE C 41 -27.77 17.26 1.44
CA PHE C 41 -28.88 16.56 0.78
C PHE C 41 -30.24 17.17 1.18
N LEU C 42 -30.38 17.50 2.46
CA LEU C 42 -31.64 17.99 3.00
C LEU C 42 -31.98 19.41 2.61
N GLU C 43 -30.96 20.21 2.24
CA GLU C 43 -31.16 21.58 1.72
C GLU C 43 -32.00 22.45 2.63
N GLY C 44 -31.83 22.27 3.92
CA GLY C 44 -32.48 23.08 4.94
C GLY C 44 -33.94 22.74 5.17
N GLU C 45 -34.42 21.62 4.64
CA GLU C 45 -35.81 21.23 4.85
C GLU C 45 -36.13 21.06 6.34
N GLU C 46 -37.30 21.54 6.74
CA GLU C 46 -37.71 21.42 8.13
C GLU C 46 -38.78 20.34 8.28
N PHE C 47 -38.78 19.70 9.44
CA PHE C 47 -39.61 18.52 9.65
C PHE C 47 -40.39 18.61 10.95
N LYS C 48 -41.58 18.00 10.93
CA LYS C 48 -42.36 17.92 12.17
C LYS C 48 -41.81 16.85 13.11
N GLU C 49 -41.36 15.72 12.55
CA GLU C 49 -40.99 14.60 13.38
C GLU C 49 -39.96 13.73 12.68
N VAL C 50 -38.79 13.64 13.31
CA VAL C 50 -37.67 12.86 12.78
C VAL C 50 -37.48 11.60 13.58
N VAL C 51 -37.28 10.45 12.91
CA VAL C 51 -36.92 9.21 13.56
C VAL C 51 -35.59 8.75 12.98
N ILE C 52 -34.60 8.57 13.85
CA ILE C 52 -33.30 8.04 13.44
C ILE C 52 -33.16 6.66 14.06
N PHE C 53 -32.88 5.65 13.25
CA PHE C 53 -32.61 4.32 13.76
C PHE C 53 -31.12 4.05 13.84
N GLY C 54 -30.63 3.68 15.01
CA GLY C 54 -29.23 3.29 15.19
C GLY C 54 -28.40 4.36 15.86
N VAL C 55 -28.12 4.19 17.15
CA VAL C 55 -27.35 5.19 17.89
C VAL C 55 -25.85 5.11 17.59
N TYR C 56 -25.30 3.89 17.60
CA TYR C 56 -23.86 3.68 17.40
C TYR C 56 -23.53 3.79 15.93
N LEU C 57 -22.52 4.55 15.52
CA LEU C 57 -21.62 5.35 16.35
C LEU C 57 -21.85 6.86 16.11
N TRP C 58 -22.75 7.23 15.21
CA TRP C 58 -22.91 8.65 14.94
C TRP C 58 -24.40 9.07 14.94
N GLY C 59 -25.25 8.25 15.52
CA GLY C 59 -26.67 8.59 15.60
C GLY C 59 -26.99 9.74 16.55
N ASN C 60 -26.32 9.81 17.71
CA ASN C 60 -26.60 10.92 18.61
C ASN C 60 -26.18 12.26 17.98
N TYR C 61 -25.03 12.28 17.32
CA TYR C 61 -24.57 13.49 16.64
C TYR C 61 -25.59 13.93 15.59
N THR C 62 -26.08 12.97 14.79
CA THR C 62 -27.11 13.25 13.78
C THR C 62 -28.36 13.81 14.46
N ALA C 63 -28.78 13.17 15.55
CA ALA C 63 -30.00 13.60 16.25
C ALA C 63 -29.86 15.02 16.77
N GLN C 64 -28.73 15.33 17.39
CA GLN C 64 -28.49 16.70 17.91
C GLN C 64 -28.50 17.72 16.80
N MET C 65 -27.83 17.40 15.71
CA MET C 65 -27.75 18.36 14.60
C MET C 65 -29.11 18.56 13.93
N LEU C 66 -29.89 17.49 13.73
CA LEU C 66 -31.18 17.61 13.07
C LEU C 66 -32.22 18.30 13.98
N SER C 67 -31.98 18.39 15.29
CA SER C 67 -33.01 18.94 16.19
C SER C 67 -33.28 20.41 15.92
N LYS C 68 -32.34 21.06 15.25
CA LYS C 68 -32.52 22.47 14.86
C LYS C 68 -33.60 22.63 13.79
N TYR C 69 -33.84 21.56 13.05
CA TYR C 69 -34.74 21.55 11.91
C TYR C 69 -36.02 20.80 12.18
N ALA C 70 -36.24 20.38 13.42
CA ALA C 70 -37.34 19.44 13.67
C ALA C 70 -38.06 19.74 14.97
N ASP C 71 -39.37 19.57 14.97
CA ASP C 71 -40.16 19.80 16.19
C ASP C 71 -39.93 18.72 17.24
N LYS C 72 -39.68 17.51 16.75
CA LYS C 72 -39.47 16.35 17.60
C LYS C 72 -38.44 15.47 16.93
N VAL C 73 -37.50 14.94 17.69
CA VAL C 73 -36.53 13.98 17.15
C VAL C 73 -36.52 12.75 18.05
N TYR C 74 -36.77 11.58 17.46
CA TYR C 74 -36.64 10.31 18.16
C TYR C 74 -35.37 9.60 17.72
N LEU C 75 -34.64 9.06 18.67
CA LEU C 75 -33.48 8.26 18.35
C LEU C 75 -33.77 6.84 18.87
N VAL C 76 -33.82 5.87 17.97
CA VAL C 76 -34.36 4.54 18.29
C VAL C 76 -33.26 3.48 18.13
N ASP C 77 -33.14 2.61 19.12
CA ASP C 77 -32.17 1.53 19.04
C ASP C 77 -32.82 0.28 19.54
N ILE C 78 -32.44 -0.84 18.95
CA ILE C 78 -32.90 -2.14 19.43
C ILE C 78 -32.31 -2.42 20.83
N HIS C 79 -31.19 -1.77 21.17
CA HIS C 79 -30.60 -1.95 22.49
C HIS C 79 -30.88 -0.84 23.49
N GLU C 80 -31.52 -1.19 24.59
CA GLU C 80 -31.85 -0.18 25.61
C GLU C 80 -30.61 0.48 26.24
N PHE C 81 -29.49 -0.24 26.36
CA PHE C 81 -28.30 0.36 27.02
C PHE C 81 -27.73 1.53 26.20
N MET C 82 -28.09 1.62 24.92
CA MET C 82 -27.58 2.71 24.09
C MET C 82 -27.97 4.12 24.55
N LYS C 83 -28.95 4.20 25.43
CA LYS C 83 -29.36 5.48 26.01
C LYS C 83 -28.22 6.27 26.65
N GLY C 84 -27.19 5.59 27.15
CA GLY C 84 -26.05 6.27 27.76
C GLY C 84 -25.30 7.20 26.83
N PHE C 85 -25.45 7.04 25.52
CA PHE C 85 -24.81 7.98 24.57
C PHE C 85 -25.54 9.30 24.38
N VAL C 86 -26.74 9.42 24.95
CA VAL C 86 -27.52 10.62 24.75
C VAL C 86 -27.39 11.45 26.01
N PRO C 87 -26.72 12.60 25.91
CA PRO C 87 -26.49 13.46 27.09
C PRO C 87 -27.81 13.93 27.67
N ASN C 88 -27.80 14.24 28.95
CA ASN C 88 -28.95 14.81 29.66
C ASN C 88 -29.33 16.27 29.28
N ASN C 89 -28.52 16.94 28.46
CA ASN C 89 -28.78 18.35 28.14
C ASN C 89 -29.36 18.63 26.74
N ASN C 90 -30.23 17.77 26.23
CA ASN C 90 -30.90 18.06 24.95
C ASN C 90 -32.38 17.62 24.88
N SER C 91 -32.99 17.77 23.70
CA SER C 91 -34.41 17.45 23.48
C SER C 91 -34.65 16.10 22.81
N ILE C 92 -33.58 15.35 22.56
CA ILE C 92 -33.70 14.11 21.82
C ILE C 92 -34.46 13.09 22.68
N LYS C 93 -35.40 12.37 22.09
CA LYS C 93 -36.12 11.36 22.85
C LYS C 93 -35.64 9.98 22.42
N PHE C 94 -34.97 9.31 23.36
CA PHE C 94 -34.54 7.93 23.09
C PHE C 94 -35.68 6.94 23.29
N LEU C 95 -35.83 5.99 22.36
CA LEU C 95 -36.75 4.88 22.54
C LEU C 95 -36.08 3.59 22.16
N ASN C 96 -36.30 2.49 22.88
CA ASN C 96 -35.86 1.24 22.32
C ASN C 96 -36.87 0.80 21.24
N LEU C 97 -36.50 -0.17 20.41
CA LEU C 97 -37.34 -0.50 19.24
C LEU C 97 -38.73 -1.02 19.68
N ASN C 98 -38.79 -1.80 20.76
CA ASN C 98 -40.07 -2.27 21.29
C ASN C 98 -40.96 -1.10 21.70
N GLU C 99 -40.39 -0.10 22.35
CA GLU C 99 -41.16 1.08 22.76
C GLU C 99 -41.68 1.83 21.56
N PHE C 100 -40.83 1.95 20.54
CA PHE C 100 -41.19 2.67 19.32
C PHE C 100 -42.32 1.94 18.59
N LYS C 101 -42.22 0.61 18.51
CA LYS C 101 -43.29 -0.18 17.89
C LYS C 101 -44.62 0.01 18.60
N LEU C 102 -44.60 0.08 19.92
CA LEU C 102 -45.81 0.29 20.71
C LEU C 102 -46.38 1.70 20.43
N LYS C 103 -45.50 2.69 20.36
CA LYS C 103 -45.93 4.04 20.02
C LYS C 103 -46.62 4.08 18.65
N PHE C 104 -46.04 3.34 17.70
CA PHE C 104 -46.62 3.23 16.36
C PHE C 104 -48.02 2.58 16.42
N ILE C 105 -48.15 1.48 17.17
CA ILE C 105 -49.42 0.79 17.26
C ILE C 105 -50.48 1.66 17.91
N ARG C 106 -50.03 2.54 18.79
CA ARG C 106 -50.94 3.49 19.44
C ARG C 106 -51.22 4.71 18.59
N GLY C 107 -50.57 4.82 17.44
CA GLY C 107 -50.78 5.94 16.53
C GLY C 107 -50.11 7.24 16.95
N GLU C 108 -49.03 7.13 17.70
CA GLU C 108 -48.39 8.29 18.32
C GLU C 108 -47.12 8.75 17.61
N VAL C 109 -46.70 8.03 16.58
CA VAL C 109 -45.56 8.45 15.77
C VAL C 109 -45.88 8.33 14.30
N ASN C 110 -45.40 9.30 13.53
CA ASN C 110 -45.65 9.35 12.09
C ASN C 110 -44.60 10.25 11.46
N PRO C 111 -43.35 9.77 11.39
CA PRO C 111 -42.26 10.69 11.02
C PRO C 111 -42.30 11.16 9.57
N ASP C 112 -41.91 12.41 9.32
CA ASP C 112 -41.79 12.87 7.93
C ASP C 112 -40.32 12.81 7.44
N LEU C 113 -39.38 12.58 8.34
CA LEU C 113 -38.01 12.21 7.99
C LEU C 113 -37.60 10.95 8.72
N ILE C 114 -37.13 9.96 7.96
CA ILE C 114 -36.55 8.77 8.57
C ILE C 114 -35.11 8.62 8.13
N VAL C 115 -34.21 8.40 9.09
CA VAL C 115 -32.80 8.18 8.80
C VAL C 115 -32.42 6.82 9.34
N ASP C 116 -32.00 5.90 8.48
CA ASP C 116 -31.66 4.56 8.93
C ASP C 116 -30.14 4.34 8.96
N LEU C 117 -29.55 4.32 10.17
CA LEU C 117 -28.10 4.12 10.33
C LEU C 117 -27.74 2.71 10.81
N THR C 118 -28.67 1.76 10.75
CA THR C 118 -28.44 0.47 11.41
C THR C 118 -27.48 -0.45 10.63
N GLY C 119 -27.36 -0.26 9.32
CA GLY C 119 -26.35 -1.00 8.55
C GLY C 119 -26.64 -2.49 8.52
N LEU C 120 -25.57 -3.28 8.47
CA LEU C 120 -25.70 -4.75 8.33
C LEU C 120 -26.52 -5.43 9.44
N GLY C 121 -27.47 -6.26 9.02
CA GLY C 121 -28.28 -6.98 9.97
C GLY C 121 -29.23 -6.07 10.75
N GLY C 122 -29.52 -4.91 10.17
CA GLY C 122 -30.30 -3.89 10.86
C GLY C 122 -31.80 -3.96 10.72
N ILE C 123 -32.41 -2.78 10.63
CA ILE C 123 -33.88 -2.67 10.63
C ILE C 123 -34.49 -3.31 9.37
N GLU C 124 -35.67 -3.90 9.54
CA GLU C 124 -36.34 -4.65 8.48
C GLU C 124 -37.06 -3.76 7.47
N PRO C 125 -36.89 -4.06 6.17
CA PRO C 125 -37.68 -3.41 5.12
C PRO C 125 -39.18 -3.44 5.37
N GLU C 126 -39.74 -4.55 5.86
CA GLU C 126 -41.17 -4.70 6.10
C GLU C 126 -41.66 -3.70 7.13
N PHE C 127 -40.83 -3.45 8.14
CA PHE C 127 -41.18 -2.51 9.19
C PHE C 127 -41.09 -1.07 8.67
N LEU C 128 -40.01 -0.76 7.98
CA LEU C 128 -39.87 0.56 7.37
C LEU C 128 -41.07 0.91 6.48
N ALA C 129 -41.60 -0.11 5.80
CA ALA C 129 -42.70 0.04 4.86
C ALA C 129 -44.02 0.47 5.51
N LYS C 130 -44.09 0.46 6.84
CA LYS C 130 -45.27 0.91 7.57
C LYS C 130 -45.36 2.43 7.58
N PHE C 131 -44.25 3.09 7.22
CA PHE C 131 -44.16 4.55 7.32
C PHE C 131 -44.28 5.25 5.96
N ASN C 132 -44.55 6.55 6.00
CA ASN C 132 -44.78 7.35 4.81
C ASN C 132 -44.09 8.70 4.96
N PRO C 133 -42.76 8.67 5.08
CA PRO C 133 -42.03 9.93 5.31
C PRO C 133 -41.96 10.74 4.03
N LYS C 134 -41.70 12.03 4.17
CA LYS C 134 -41.39 12.90 3.05
C LYS C 134 -40.00 12.61 2.49
N VAL C 135 -39.08 12.27 3.40
CA VAL C 135 -37.70 11.99 3.05
C VAL C 135 -37.21 10.74 3.80
N PHE C 136 -36.51 9.87 3.07
CA PHE C 136 -35.90 8.69 3.68
C PHE C 136 -34.42 8.66 3.31
N ILE C 137 -33.55 8.58 4.32
CA ILE C 137 -32.11 8.46 4.09
C ILE C 137 -31.65 7.15 4.71
N VAL C 138 -30.91 6.35 3.96
CA VAL C 138 -30.34 5.12 4.53
C VAL C 138 -28.82 5.13 4.39
N GLU C 139 -28.12 4.71 5.45
CA GLU C 139 -26.67 4.63 5.33
C GLU C 139 -26.29 3.29 4.70
N ASP C 140 -25.59 3.35 3.54
CA ASP C 140 -25.06 2.15 2.88
C ASP C 140 -23.84 1.68 3.70
N PRO C 141 -23.88 0.46 4.28
CA PRO C 141 -22.75 0.07 5.12
C PRO C 141 -21.56 -0.44 4.30
N LYS C 142 -21.71 -0.58 2.99
CA LYS C 142 -20.63 -1.20 2.23
C LYS C 142 -19.44 -0.29 2.03
N GLY C 143 -18.28 -0.90 1.83
CA GLY C 143 -17.08 -0.20 1.41
C GLY C 143 -16.63 -0.73 0.05
N VAL C 144 -15.36 -1.06 -0.06
CA VAL C 144 -14.84 -1.72 -1.26
CA VAL C 144 -14.86 -1.70 -1.27
C VAL C 144 -15.52 -3.08 -1.40
N PHE C 145 -15.74 -3.51 -2.64
CA PHE C 145 -16.45 -4.79 -2.84
C PHE C 145 -15.89 -5.99 -2.08
N ASP C 146 -16.80 -6.69 -1.40
CA ASP C 146 -16.50 -7.92 -0.67
C ASP C 146 -17.74 -8.77 -0.87
N VAL C 147 -17.59 -9.99 -1.39
CA VAL C 147 -18.78 -10.78 -1.78
C VAL C 147 -19.71 -11.02 -0.58
N ASP C 148 -19.15 -11.33 0.57
CA ASP C 148 -20.01 -11.65 1.72
C ASP C 148 -20.65 -10.41 2.34
N ILE C 149 -19.92 -9.29 2.43
CA ILE C 149 -20.52 -8.04 2.89
C ILE C 149 -21.60 -7.56 1.92
N TYR C 150 -21.32 -7.67 0.61
CA TYR C 150 -22.28 -7.21 -0.39
C TYR C 150 -23.58 -8.03 -0.31
N GLU C 151 -23.43 -9.36 -0.17
CA GLU C 151 -24.59 -10.25 -0.10
C GLU C 151 -25.38 -10.00 1.20
N ALA C 152 -24.70 -9.58 2.26
CA ALA C 152 -25.40 -9.33 3.55
C ALA C 152 -26.16 -8.03 3.54
N ASP C 153 -25.73 -7.14 2.67
CA ASP C 153 -26.32 -5.79 2.61
C ASP C 153 -27.67 -5.83 1.91
N ASN C 154 -28.66 -5.13 2.46
CA ASN C 154 -29.94 -5.01 1.78
C ASN C 154 -30.46 -3.57 1.72
N THR C 155 -29.52 -2.63 1.62
CA THR C 155 -29.82 -1.19 1.53
C THR C 155 -30.90 -0.89 0.49
N TYR C 156 -30.79 -1.45 -0.70
CA TYR C 156 -31.77 -1.03 -1.72
C TYR C 156 -33.10 -1.72 -1.57
N LYS C 157 -33.17 -2.78 -0.76
CA LYS C 157 -34.48 -3.32 -0.43
C LYS C 157 -35.14 -2.39 0.60
N ARG C 158 -34.33 -1.69 1.40
CA ARG C 158 -34.92 -0.75 2.35
C ARG C 158 -35.48 0.49 1.69
N THR C 159 -34.89 0.93 0.59
CA THR C 159 -35.37 2.14 -0.11
C THR C 159 -36.62 1.86 -0.93
N ALA C 160 -36.80 0.59 -1.30
CA ALA C 160 -37.87 0.21 -2.22
C ALA C 160 -39.28 0.68 -1.84
N PRO C 161 -39.70 0.53 -0.56
CA PRO C 161 -41.06 1.03 -0.31
C PRO C 161 -41.22 2.56 -0.45
N PHE C 162 -40.13 3.31 -0.60
CA PHE C 162 -40.23 4.77 -0.56
C PHE C 162 -39.96 5.52 -1.88
N ILE C 163 -39.38 4.85 -2.86
CA ILE C 163 -38.96 5.47 -4.11
C ILE C 163 -40.03 6.29 -4.83
N GLU C 164 -41.25 5.81 -4.71
CA GLU C 164 -42.40 6.29 -5.40
C GLU C 164 -42.94 7.58 -4.87
N LYS C 165 -42.93 7.72 -3.55
CA LYS C 165 -43.58 8.85 -2.91
C LYS C 165 -42.63 9.76 -2.16
N ALA C 166 -41.41 9.32 -1.92
CA ALA C 166 -40.56 10.13 -1.05
C ALA C 166 -39.30 10.55 -1.77
N LYS C 167 -38.64 11.54 -1.18
CA LYS C 167 -37.28 11.87 -1.56
C LYS C 167 -36.36 10.87 -0.86
N VAL C 168 -35.58 10.10 -1.61
CA VAL C 168 -34.81 9.00 -1.05
C VAL C 168 -33.33 9.20 -1.32
N GLY C 169 -32.53 9.08 -0.27
CA GLY C 169 -31.09 9.24 -0.42
C GLY C 169 -30.37 8.08 0.25
N VAL C 170 -29.27 7.67 -0.38
CA VAL C 170 -28.41 6.63 0.16
C VAL C 170 -27.02 7.21 0.46
N LEU C 171 -26.62 7.18 1.72
CA LEU C 171 -25.35 7.77 2.13
C LEU C 171 -24.17 6.81 1.94
N LYS C 172 -23.19 7.25 1.14
CA LYS C 172 -22.00 6.43 0.90
C LYS C 172 -20.78 7.14 1.47
N THR C 173 -19.92 6.40 2.16
CA THR C 173 -18.71 6.98 2.74
C THR C 173 -17.54 6.07 2.42
N TYR C 174 -16.47 6.64 1.88
CA TYR C 174 -15.36 5.79 1.47
C TYR C 174 -14.06 6.57 1.58
N ARG C 175 -12.96 5.87 1.42
CA ARG C 175 -11.63 6.45 1.42
C ARG C 175 -11.01 6.45 0.04
N LYS C 176 -10.49 7.59 -0.40
CA LYS C 176 -9.84 7.64 -1.72
C LYS C 176 -8.49 6.95 -1.72
N ALA C 177 -8.30 6.07 -2.71
CA ALA C 177 -7.04 5.33 -2.95
C ALA C 177 -6.66 4.42 -1.81
N ARG C 178 -7.64 4.02 -1.03
CA ARG C 178 -7.41 3.09 0.06
C ARG C 178 -8.56 2.11 0.11
N VAL C 179 -8.28 1.00 0.74
CA VAL C 179 -9.29 -0.05 0.90
C VAL C 179 -9.84 0.04 2.33
N SER C 180 -11.16 0.19 2.43
CA SER C 180 -11.84 -0.06 3.68
C SER C 180 -13.00 -1.00 3.34
N LYS C 181 -13.28 -1.92 4.28
CA LYS C 181 -14.24 -2.97 3.98
C LYS C 181 -15.68 -2.56 4.23
N THR C 182 -15.87 -1.50 5.00
CA THR C 182 -17.21 -0.96 5.29
C THR C 182 -17.15 0.56 5.31
N SER C 183 -18.30 1.19 5.40
CA SER C 183 -18.38 2.64 5.61
C SER C 183 -18.58 2.97 7.09
N GLY C 184 -18.50 1.96 7.95
CA GLY C 184 -18.72 2.15 9.38
C GLY C 184 -17.75 3.16 10.01
N THR C 185 -18.27 4.01 10.89
CA THR C 185 -17.47 5.03 11.53
C THR C 185 -16.25 4.41 12.23
N MET C 186 -16.48 3.31 12.94
CA MET C 186 -15.35 2.63 13.62
C MET C 186 -14.34 1.99 12.63
N THR C 187 -14.86 1.33 11.63
CA THR C 187 -13.99 0.77 10.62
C THR C 187 -13.07 1.85 10.03
N LEU C 188 -13.68 2.96 9.65
CA LEU C 188 -12.93 4.05 9.04
C LEU C 188 -11.95 4.67 10.01
N THR C 189 -12.35 4.74 11.27
CA THR C 189 -11.46 5.22 12.33
C THR C 189 -10.22 4.36 12.47
N ILE C 190 -10.42 3.05 12.57
CA ILE C 190 -9.30 2.11 12.66
C ILE C 190 -8.35 2.22 11.46
N ASP C 191 -8.92 2.22 10.26
CA ASP C 191 -8.09 2.17 9.06
C ASP C 191 -7.31 3.46 8.92
N THR C 192 -7.95 4.57 9.27
CA THR C 192 -7.28 5.86 9.25
C THR C 192 -6.07 5.91 10.19
N ILE C 193 -6.27 5.43 11.39
CA ILE C 193 -5.21 5.53 12.39
C ILE C 193 -4.09 4.54 12.11
N VAL C 194 -4.44 3.31 11.71
CA VAL C 194 -3.39 2.35 11.37
C VAL C 194 -2.58 2.88 10.17
N ASP C 195 -3.25 3.39 9.13
CA ASP C 195 -2.52 3.92 7.95
C ASP C 195 -1.61 5.09 8.35
N ALA C 196 -2.11 5.99 9.20
CA ALA C 196 -1.29 7.12 9.61
C ALA C 196 -0.07 6.65 10.37
N SER C 197 -0.24 5.61 11.20
CA SER C 197 0.89 5.16 11.98
C SER C 197 2.01 4.64 11.09
N ARG C 198 1.67 3.98 9.98
CA ARG C 198 2.66 3.48 9.07
C ARG C 198 3.35 4.66 8.36
N GLU C 199 2.62 5.69 7.98
CA GLU C 199 3.27 6.85 7.36
C GLU C 199 4.17 7.60 8.35
N ILE C 200 3.71 7.71 9.61
CA ILE C 200 4.53 8.36 10.62
C ILE C 200 5.83 7.61 10.89
N THR C 201 5.73 6.29 10.86
CA THR C 201 6.89 5.43 11.06
C THR C 201 7.99 5.80 10.09
N SER C 202 7.61 6.16 8.88
CA SER C 202 8.60 6.38 7.85
C SER C 202 9.41 7.65 7.99
N LEU C 203 8.98 8.59 8.87
CA LEU C 203 9.67 9.87 8.98
C LEU C 203 11.08 9.70 9.50
N ASP C 204 11.98 10.59 9.05
CA ASP C 204 13.37 10.58 9.57
C ASP C 204 13.42 10.52 11.11
N GLY C 205 14.18 9.57 11.62
CA GLY C 205 14.43 9.48 13.05
C GLY C 205 13.40 8.72 13.87
N VAL C 206 12.29 8.38 13.25
CA VAL C 206 11.28 7.64 13.98
C VAL C 206 11.68 6.17 14.07
N LEU C 207 11.53 5.60 15.27
CA LEU C 207 11.86 4.19 15.48
C LEU C 207 10.63 3.31 15.28
N TYR C 208 9.51 3.71 15.86
CA TYR C 208 8.24 3.01 15.60
C TYR C 208 7.09 3.96 15.95
N ALA C 209 5.90 3.62 15.48
CA ALA C 209 4.71 4.37 15.81
C ALA C 209 3.60 3.35 16.01
N ILE C 210 2.98 3.37 17.18
CA ILE C 210 1.90 2.42 17.52
C ILE C 210 0.55 3.11 17.32
N PRO C 211 -0.37 2.49 16.55
CA PRO C 211 -1.75 2.96 16.54
C PRO C 211 -2.38 2.49 17.86
N ASN C 212 -2.96 3.39 18.67
CA ASN C 212 -3.48 3.03 19.98
C ASN C 212 -4.95 2.68 19.83
N LEU C 213 -5.25 1.43 19.54
CA LEU C 213 -6.64 1.07 19.26
C LEU C 213 -7.03 -0.08 20.14
N ARG C 214 -8.28 -0.08 20.60
CA ARG C 214 -8.78 -1.22 21.38
C ARG C 214 -10.11 -1.62 20.77
N TYR C 215 -10.60 -2.79 21.16
CA TYR C 215 -11.88 -3.32 20.68
C TYR C 215 -13.03 -2.63 21.46
N TYR C 216 -13.26 -1.36 21.12
CA TYR C 216 -14.22 -0.56 21.86
C TYR C 216 -15.64 -1.12 21.72
N GLU C 217 -15.91 -1.73 20.57
CA GLU C 217 -17.25 -2.20 20.25
C GLU C 217 -17.65 -3.26 21.29
N GLY C 218 -16.69 -4.03 21.78
CA GLY C 218 -16.98 -5.03 22.83
C GLY C 218 -17.37 -4.42 24.17
N ILE C 219 -16.79 -3.26 24.48
CA ILE C 219 -17.12 -2.56 25.73
C ILE C 219 -18.58 -2.19 25.69
N LEU C 220 -19.05 -1.82 24.51
CA LEU C 220 -20.45 -1.44 24.39
C LEU C 220 -21.35 -2.63 24.29
N PHE C 221 -21.14 -3.46 23.28
CA PHE C 221 -22.17 -4.42 22.95
C PHE C 221 -22.10 -5.63 23.86
N HIS C 222 -20.97 -5.96 24.47
CA HIS C 222 -21.12 -6.99 25.52
C HIS C 222 -20.87 -6.51 26.97
N GLU C 223 -20.07 -5.50 27.22
CA GLU C 223 -19.96 -5.09 28.63
C GLU C 223 -21.04 -4.05 28.97
N ASN C 224 -21.67 -3.48 27.95
CA ASN C 224 -22.73 -2.48 28.14
C ASN C 224 -22.26 -1.31 29.01
N ASP C 225 -21.00 -0.92 28.84
CA ASP C 225 -20.34 0.05 29.72
C ASP C 225 -20.01 1.32 28.94
N ILE C 226 -20.97 2.24 28.84
CA ILE C 226 -20.78 3.46 28.04
C ILE C 226 -19.61 4.31 28.53
N HIS C 227 -19.52 4.47 29.84
CA HIS C 227 -18.44 5.26 30.43
C HIS C 227 -17.05 4.73 30.09
N LYS C 228 -16.89 3.42 30.19
CA LYS C 228 -15.58 2.86 29.86
C LYS C 228 -15.29 3.01 28.36
N PHE C 229 -16.32 2.85 27.54
CA PHE C 229 -16.18 3.09 26.11
C PHE C 229 -15.62 4.50 25.85
N LEU C 230 -16.27 5.50 26.44
CA LEU C 230 -15.89 6.89 26.19
C LEU C 230 -14.50 7.20 26.74
N SER C 231 -14.20 6.62 27.90
CA SER C 231 -12.86 6.79 28.46
C SER C 231 -11.81 6.18 27.54
N GLU C 232 -12.05 4.95 27.10
CA GLU C 232 -11.01 4.29 26.32
C GLU C 232 -10.80 4.96 24.97
N ILE C 233 -11.88 5.42 24.34
CA ILE C 233 -11.74 5.97 23.00
C ILE C 233 -11.13 7.37 23.05
N SER C 234 -11.02 7.96 24.24
CA SER C 234 -10.39 9.27 24.39
C SER C 234 -8.84 9.16 24.40
N GLN C 235 -8.28 7.96 24.25
CA GLN C 235 -6.82 7.80 24.27
C GLN C 235 -6.17 8.51 23.05
N PRO C 236 -4.92 8.98 23.19
CA PRO C 236 -4.19 9.54 22.04
C PRO C 236 -4.18 8.53 20.92
N ALA C 237 -4.33 8.98 19.69
CA ALA C 237 -4.46 8.04 18.58
C ALA C 237 -3.17 7.27 18.29
N ILE C 238 -2.02 7.92 18.43
CA ILE C 238 -0.75 7.29 18.05
C ILE C 238 0.36 7.62 19.05
N THR C 239 1.16 6.62 19.39
CA THR C 239 2.31 6.81 20.29
C THR C 239 3.59 6.53 19.49
N ILE C 240 4.56 7.44 19.56
CA ILE C 240 5.71 7.45 18.65
C ILE C 240 7.01 7.38 19.45
N SER C 241 7.90 6.48 19.08
CA SER C 241 9.25 6.42 19.64
C SER C 241 10.18 7.02 18.61
N THR C 242 10.94 8.03 19.00
CA THR C 242 11.56 8.80 17.94
C THR C 242 12.76 9.61 18.39
N LEU C 243 13.75 9.74 17.52
CA LEU C 243 14.91 10.62 17.78
C LEU C 243 14.60 12.12 17.60
N ASN C 244 13.57 12.42 16.82
CA ASN C 244 13.24 13.81 16.48
C ASN C 244 11.84 14.17 16.95
N ASP C 245 11.63 15.45 17.23
CA ASP C 245 10.30 15.93 17.53
C ASP C 245 9.49 15.96 16.24
N VAL C 246 8.63 14.97 16.06
CA VAL C 246 7.83 14.90 14.85
C VAL C 246 6.34 15.16 15.09
N LEU C 247 6.01 15.73 16.24
CA LEU C 247 4.59 15.91 16.61
C LEU C 247 3.78 16.63 15.54
N ASP C 248 4.25 17.79 15.06
CA ASP C 248 3.53 18.58 14.05
C ASP C 248 3.33 17.81 12.74
N GLU C 249 4.38 17.12 12.31
CA GLU C 249 4.28 16.31 11.09
C GLU C 249 3.30 15.15 11.29
N ALA C 250 3.28 14.57 12.49
CA ALA C 250 2.42 13.45 12.78
C ALA C 250 0.97 13.89 12.76
N GLU C 251 0.70 15.07 13.32
CA GLU C 251 -0.65 15.63 13.26
C GLU C 251 -1.07 15.91 11.83
N GLU C 252 -0.12 16.38 11.03
CA GLU C 252 -0.41 16.68 9.63
C GLU C 252 -0.74 15.38 8.90
N ILE C 253 0.06 14.34 9.17
CA ILE C 253 -0.17 13.05 8.50
C ILE C 253 -1.52 12.48 8.89
N LEU C 254 -1.86 12.62 10.17
CA LEU C 254 -3.15 12.11 10.61
C LEU C 254 -4.29 12.92 9.94
N SER C 255 -4.12 14.24 9.83
CA SER C 255 -5.06 15.09 9.12
C SER C 255 -5.21 14.72 7.62
N ASN C 256 -4.09 14.44 6.96
CA ASN C 256 -4.14 14.03 5.55
C ASN C 256 -4.93 12.74 5.39
N ASN C 257 -4.75 11.79 6.33
CA ASN C 257 -5.45 10.52 6.24
C ASN C 257 -6.94 10.68 6.54
N ILE C 258 -7.30 11.60 7.43
CA ILE C 258 -8.73 11.86 7.66
C ILE C 258 -9.37 12.46 6.40
N ASN C 259 -8.62 13.31 5.71
CA ASN C 259 -9.12 14.01 4.53
C ASN C 259 -9.27 13.12 3.30
N LEU C 260 -8.81 11.88 3.37
CA LEU C 260 -9.03 10.92 2.29
C LEU C 260 -10.48 10.44 2.33
N ILE C 261 -11.15 10.68 3.46
CA ILE C 261 -12.51 10.18 3.62
C ILE C 261 -13.53 11.12 3.01
N TYR C 262 -14.41 10.58 2.17
CA TYR C 262 -15.43 11.35 1.46
C TYR C 262 -16.81 10.75 1.68
N SER C 263 -17.82 11.58 1.90
CA SER C 263 -19.17 11.07 2.15
C SER C 263 -20.13 11.83 1.20
N PHE C 264 -21.09 11.12 0.61
CA PHE C 264 -22.05 11.79 -0.26
C PHE C 264 -23.39 11.06 -0.23
N VAL C 265 -24.50 11.79 -0.40
CA VAL C 265 -25.79 11.11 -0.50
C VAL C 265 -26.25 11.06 -1.93
N GLU C 266 -26.41 9.84 -2.43
CA GLU C 266 -26.99 9.53 -3.74
C GLU C 266 -28.50 9.65 -3.70
N GLU C 267 -29.11 10.51 -4.53
CA GLU C 267 -30.56 10.60 -4.56
C GLU C 267 -31.09 9.54 -5.53
N LEU C 268 -32.07 8.76 -5.09
CA LEU C 268 -32.64 7.72 -5.95
C LEU C 268 -33.89 8.21 -6.68
N GLU D 12 23.83 -10.02 -16.99
CA GLU D 12 24.91 -10.65 -16.23
C GLU D 12 24.24 -11.56 -15.22
N MET D 13 24.39 -11.22 -13.95
CA MET D 13 23.71 -11.91 -12.88
C MET D 13 22.22 -11.54 -12.98
N VAL D 14 21.95 -10.40 -13.61
CA VAL D 14 20.57 -9.89 -13.71
C VAL D 14 19.90 -10.36 -15.00
N LYS D 15 18.77 -11.02 -14.86
CA LYS D 15 18.06 -11.65 -15.97
C LYS D 15 16.87 -10.82 -16.30
N THR D 16 16.36 -10.98 -17.52
CA THR D 16 15.10 -10.39 -17.96
C THR D 16 14.10 -11.50 -18.19
N ILE D 17 12.93 -11.35 -17.60
CA ILE D 17 11.88 -12.32 -17.77
C ILE D 17 10.59 -11.64 -18.24
N ASP D 18 10.09 -12.04 -19.40
CA ASP D 18 8.74 -11.63 -19.81
C ASP D 18 7.71 -12.65 -19.38
N THR D 19 6.55 -12.21 -18.92
CA THR D 19 5.51 -13.22 -18.60
C THR D 19 5.08 -13.91 -19.89
N LYS D 20 4.60 -15.15 -19.75
CA LYS D 20 3.97 -15.83 -20.89
C LYS D 20 2.61 -15.18 -21.17
N THR D 21 1.92 -14.81 -20.09
CA THR D 21 0.64 -14.15 -20.19
C THR D 21 0.79 -12.79 -20.85
N ARG D 22 -0.02 -12.55 -21.87
CA ARG D 22 -0.02 -11.30 -22.63
C ARG D 22 -1.11 -10.36 -22.15
N VAL D 23 -1.03 -9.09 -22.49
CA VAL D 23 -2.12 -8.21 -22.11
C VAL D 23 -3.48 -8.72 -22.63
N VAL D 24 -3.51 -9.16 -23.87
CA VAL D 24 -4.77 -9.65 -24.45
C VAL D 24 -5.28 -10.91 -23.72
N ASP D 25 -4.38 -11.69 -23.13
CA ASP D 25 -4.83 -12.86 -22.34
C ASP D 25 -5.60 -12.38 -21.13
N VAL D 26 -5.15 -11.29 -20.53
CA VAL D 26 -5.85 -10.76 -19.37
C VAL D 26 -7.24 -10.24 -19.79
N THR D 27 -7.30 -9.49 -20.89
CA THR D 27 -8.57 -8.94 -21.35
C THR D 27 -9.53 -10.08 -21.69
N ASN D 28 -9.00 -11.15 -22.30
CA ASN D 28 -9.83 -12.33 -22.68
C ASN D 28 -10.38 -13.01 -21.43
N GLU D 29 -9.56 -13.13 -20.39
CA GLU D 29 -10.02 -13.77 -19.15
C GLU D 29 -11.14 -12.94 -18.50
N ILE D 30 -11.02 -11.62 -18.57
CA ILE D 30 -12.04 -10.75 -17.98
C ILE D 30 -13.36 -10.87 -18.78
N ALA D 31 -13.23 -10.89 -20.10
CA ALA D 31 -14.40 -11.04 -20.99
C ALA D 31 -15.10 -12.38 -20.72
N LYS D 32 -14.31 -13.42 -20.50
CA LYS D 32 -14.88 -14.73 -20.19
C LYS D 32 -15.67 -14.68 -18.87
N LYS D 33 -15.15 -14.00 -17.85
CA LYS D 33 -15.88 -13.90 -16.55
C LYS D 33 -17.20 -13.14 -16.74
N LYS D 34 -17.15 -12.04 -17.48
CA LYS D 34 -18.36 -11.27 -17.72
C LYS D 34 -19.35 -12.12 -18.47
N TYR D 35 -18.89 -12.84 -19.50
CA TYR D 35 -19.83 -13.64 -20.27
C TYR D 35 -20.43 -14.79 -19.45
N GLN D 36 -19.63 -15.41 -18.59
CA GLN D 36 -20.15 -16.50 -17.75
C GLN D 36 -21.27 -16.00 -16.82
N ALA D 37 -21.17 -14.75 -16.37
CA ALA D 37 -22.24 -14.16 -15.54
C ALA D 37 -23.53 -14.01 -16.33
N ILE D 38 -23.43 -13.51 -17.56
CA ILE D 38 -24.59 -13.39 -18.47
C ILE D 38 -25.14 -14.76 -18.79
N ARG D 39 -24.25 -15.71 -19.11
CA ARG D 39 -24.69 -17.06 -19.47
C ARG D 39 -25.51 -17.69 -18.34
N ASP D 40 -25.02 -17.54 -17.13
CA ASP D 40 -25.71 -18.14 -16.01
C ASP D 40 -27.04 -17.44 -15.74
N PHE D 41 -27.12 -16.12 -15.96
CA PHE D 41 -28.38 -15.41 -15.82
C PHE D 41 -29.41 -15.91 -16.81
N LEU D 42 -28.96 -16.21 -18.03
CA LEU D 42 -29.88 -16.61 -19.11
C LEU D 42 -30.40 -18.07 -18.95
N GLU D 43 -29.63 -18.89 -18.22
CA GLU D 43 -30.07 -20.25 -17.86
C GLU D 43 -30.46 -21.08 -19.09
N GLY D 44 -29.74 -20.86 -20.20
CA GLY D 44 -29.94 -21.63 -21.43
C GLY D 44 -31.17 -21.23 -22.24
N GLU D 45 -31.78 -20.08 -21.91
CA GLU D 45 -32.91 -19.58 -22.73
C GLU D 45 -32.46 -19.36 -24.17
N GLU D 46 -33.31 -19.75 -25.12
CA GLU D 46 -33.03 -19.58 -26.55
C GLU D 46 -33.89 -18.46 -27.07
N PHE D 47 -33.37 -17.78 -28.07
CA PHE D 47 -33.95 -16.53 -28.56
C PHE D 47 -34.07 -16.51 -30.07
N LYS D 48 -35.06 -15.77 -30.56
CA LYS D 48 -35.17 -15.56 -31.99
C LYS D 48 -34.16 -14.54 -32.49
N GLU D 49 -33.94 -13.48 -31.72
CA GLU D 49 -33.15 -12.36 -32.24
C GLU D 49 -32.48 -11.61 -31.12
N VAL D 50 -31.16 -11.56 -31.13
CA VAL D 50 -30.38 -10.90 -30.08
C VAL D 50 -29.79 -9.63 -30.67
N VAL D 51 -29.83 -8.54 -29.92
CA VAL D 51 -29.12 -7.32 -30.30
C VAL D 51 -28.18 -6.96 -29.15
N ILE D 52 -26.91 -6.81 -29.48
CA ILE D 52 -25.89 -6.41 -28.50
C ILE D 52 -25.42 -5.02 -28.94
N PHE D 53 -25.48 -4.05 -28.04
CA PHE D 53 -24.95 -2.71 -28.35
C PHE D 53 -23.59 -2.55 -27.69
N GLY D 54 -22.58 -2.19 -28.50
CA GLY D 54 -21.27 -1.90 -27.97
C GLY D 54 -20.26 -3.00 -28.24
N VAL D 55 -19.40 -2.82 -29.26
CA VAL D 55 -18.41 -3.81 -29.63
C VAL D 55 -17.20 -3.79 -28.67
N TYR D 56 -16.65 -2.63 -28.39
CA TYR D 56 -15.48 -2.54 -27.54
C TYR D 56 -15.89 -2.71 -26.07
N LEU D 57 -15.21 -3.54 -25.28
CA LEU D 57 -14.09 -4.40 -25.69
C LEU D 57 -14.50 -5.89 -25.71
N TRP D 58 -15.74 -6.22 -25.33
CA TRP D 58 -16.12 -7.63 -25.28
C TRP D 58 -17.45 -7.97 -25.96
N GLY D 59 -17.93 -7.08 -26.83
CA GLY D 59 -19.17 -7.27 -27.55
C GLY D 59 -19.08 -8.35 -28.61
N ASN D 60 -17.96 -8.39 -29.35
CA ASN D 60 -17.84 -9.47 -30.33
C ASN D 60 -17.81 -10.84 -29.64
N TYR D 61 -17.09 -10.99 -28.53
CA TYR D 61 -17.06 -12.26 -27.81
C TYR D 61 -18.46 -12.66 -27.38
N THR D 62 -19.22 -11.72 -26.83
CA THR D 62 -20.59 -11.95 -26.42
C THR D 62 -21.42 -12.40 -27.59
N ALA D 63 -21.27 -11.70 -28.71
CA ALA D 63 -22.05 -12.08 -29.89
C ALA D 63 -21.74 -13.50 -30.38
N GLN D 64 -20.46 -13.87 -30.46
CA GLN D 64 -20.10 -15.21 -30.89
C GLN D 64 -20.68 -16.23 -29.93
N MET D 65 -20.58 -15.96 -28.63
CA MET D 65 -21.05 -16.98 -27.66
C MET D 65 -22.58 -17.12 -27.67
N LEU D 66 -23.30 -16.00 -27.77
CA LEU D 66 -24.77 -16.04 -27.77
C LEU D 66 -25.33 -16.63 -29.06
N SER D 67 -24.51 -16.70 -30.13
CA SER D 67 -25.05 -17.15 -31.40
C SER D 67 -25.55 -18.60 -31.34
N LYS D 68 -25.06 -19.38 -30.39
CA LYS D 68 -25.60 -20.73 -30.26
C LYS D 68 -27.03 -20.73 -29.70
N TYR D 69 -27.42 -19.64 -29.06
CA TYR D 69 -28.74 -19.58 -28.43
C TYR D 69 -29.75 -18.76 -29.19
N ALA D 70 -29.38 -18.31 -30.40
CA ALA D 70 -30.19 -17.31 -31.07
C ALA D 70 -30.26 -17.59 -32.54
N ASP D 71 -31.43 -17.37 -33.12
CA ASP D 71 -31.54 -17.57 -34.57
C ASP D 71 -30.78 -16.50 -35.36
N LYS D 72 -30.73 -15.28 -34.82
CA LYS D 72 -30.07 -14.13 -35.47
C LYS D 72 -29.38 -13.33 -34.38
N VAL D 73 -28.15 -12.90 -34.62
CA VAL D 73 -27.45 -12.03 -33.70
C VAL D 73 -26.99 -10.77 -34.42
N TYR D 74 -27.41 -9.62 -33.90
CA TYR D 74 -26.92 -8.33 -34.38
C TYR D 74 -25.97 -7.72 -33.35
N LEU D 75 -24.85 -7.21 -33.85
CA LEU D 75 -23.90 -6.52 -32.98
C LEU D 75 -23.83 -5.08 -33.51
N VAL D 76 -24.21 -4.12 -32.67
CA VAL D 76 -24.43 -2.75 -33.15
C VAL D 76 -23.46 -1.77 -32.49
N ASP D 77 -22.87 -0.86 -33.27
CA ASP D 77 -21.98 0.12 -32.68
C ASP D 77 -22.21 1.44 -33.36
N ILE D 78 -22.08 2.51 -32.59
CA ILE D 78 -22.22 3.84 -33.17
C ILE D 78 -21.05 4.15 -34.11
N HIS D 79 -19.93 3.44 -33.97
CA HIS D 79 -18.77 3.61 -34.86
C HIS D 79 -18.69 2.49 -35.86
N GLU D 80 -18.77 2.86 -37.14
CA GLU D 80 -18.67 1.91 -38.22
C GLU D 80 -17.34 1.15 -38.23
N PHE D 81 -16.21 1.78 -37.84
CA PHE D 81 -14.92 1.09 -37.94
C PHE D 81 -14.83 -0.13 -37.01
N MET D 82 -15.73 -0.20 -36.02
CA MET D 82 -15.77 -1.33 -35.08
C MET D 82 -16.09 -2.66 -35.77
N LYS D 83 -16.57 -2.60 -37.01
CA LYS D 83 -16.82 -3.81 -37.79
C LYS D 83 -15.56 -4.71 -37.89
N GLY D 84 -14.39 -4.09 -37.82
CA GLY D 84 -13.11 -4.78 -37.89
C GLY D 84 -12.86 -5.81 -36.78
N PHE D 85 -13.60 -5.73 -35.67
CA PHE D 85 -13.49 -6.71 -34.60
C PHE D 85 -14.36 -7.94 -34.84
N VAL D 86 -15.21 -7.89 -35.87
CA VAL D 86 -16.12 -8.99 -36.12
C VAL D 86 -15.62 -9.79 -37.32
N PRO D 87 -15.15 -11.03 -37.10
CA PRO D 87 -14.68 -11.86 -38.22
C PRO D 87 -15.76 -12.24 -39.26
N ASN D 88 -15.31 -12.46 -40.50
CA ASN D 88 -16.17 -12.88 -41.62
C ASN D 88 -16.79 -14.29 -41.52
N ASN D 89 -16.21 -15.16 -40.70
CA ASN D 89 -16.53 -16.59 -40.71
C ASN D 89 -17.62 -16.97 -39.69
N ASN D 90 -18.58 -16.07 -39.53
CA ASN D 90 -19.72 -16.34 -38.67
C ASN D 90 -20.99 -15.72 -39.23
N SER D 91 -22.07 -15.91 -38.49
CA SER D 91 -23.36 -15.38 -38.89
C SER D 91 -23.67 -14.05 -38.20
N ILE D 92 -22.74 -13.54 -37.39
CA ILE D 92 -23.02 -12.30 -36.67
C ILE D 92 -23.19 -11.17 -37.66
N LYS D 93 -24.21 -10.33 -37.44
CA LYS D 93 -24.44 -9.25 -38.41
C LYS D 93 -24.07 -7.95 -37.71
N PHE D 94 -22.99 -7.33 -38.15
CA PHE D 94 -22.66 -6.02 -37.63
C PHE D 94 -23.50 -4.93 -38.34
N LEU D 95 -24.00 -4.00 -37.54
CA LEU D 95 -24.65 -2.81 -38.07
C LEU D 95 -24.15 -1.58 -37.33
N ASN D 96 -23.99 -0.43 -38.02
CA ASN D 96 -23.79 0.77 -37.23
C ASN D 96 -25.17 1.18 -36.69
N LEU D 97 -25.17 2.10 -35.74
CA LEU D 97 -26.42 2.42 -35.02
C LEU D 97 -27.46 3.04 -35.98
N ASN D 98 -27.02 3.88 -36.92
CA ASN D 98 -27.98 4.43 -37.87
C ASN D 98 -28.64 3.34 -38.70
N GLU D 99 -27.85 2.38 -39.19
CA GLU D 99 -28.41 1.24 -39.95
C GLU D 99 -29.39 0.41 -39.10
N PHE D 100 -29.04 0.20 -37.84
CA PHE D 100 -29.90 -0.55 -36.95
C PHE D 100 -31.22 0.21 -36.71
N LYS D 101 -31.14 1.52 -36.45
CA LYS D 101 -32.37 2.30 -36.28
C LYS D 101 -33.31 2.23 -37.48
N LEU D 102 -32.74 2.27 -38.68
CA LEU D 102 -33.53 2.20 -39.90
C LEU D 102 -34.21 0.84 -40.02
N LYS D 103 -33.47 -0.24 -39.70
CA LYS D 103 -34.04 -1.59 -39.73
C LYS D 103 -35.22 -1.72 -38.77
N PHE D 104 -35.03 -1.15 -37.58
CA PHE D 104 -36.06 -1.16 -36.56
C PHE D 104 -37.30 -0.40 -37.05
N ILE D 105 -37.11 0.80 -37.58
CA ILE D 105 -38.30 1.53 -37.99
C ILE D 105 -38.99 0.91 -39.22
N ARG D 106 -38.26 0.15 -40.01
CA ARG D 106 -38.83 -0.58 -41.14
C ARG D 106 -39.49 -1.93 -40.71
N GLY D 107 -39.44 -2.22 -39.42
CA GLY D 107 -40.02 -3.44 -38.87
C GLY D 107 -39.24 -4.71 -39.15
N GLU D 108 -37.93 -4.56 -39.36
CA GLU D 108 -37.15 -5.70 -39.82
C GLU D 108 -36.32 -6.32 -38.71
N VAL D 109 -36.33 -5.68 -37.54
CA VAL D 109 -35.72 -6.26 -36.34
C VAL D 109 -36.69 -6.08 -35.20
N ASN D 110 -36.69 -7.04 -34.28
CA ASN D 110 -37.58 -7.01 -33.12
C ASN D 110 -36.97 -7.93 -32.06
N PRO D 111 -35.89 -7.47 -31.42
CA PRO D 111 -35.09 -8.37 -30.60
C PRO D 111 -35.80 -8.86 -29.37
N ASP D 112 -35.62 -10.15 -29.06
CA ASP D 112 -36.18 -10.66 -27.81
C ASP D 112 -35.13 -10.73 -26.69
N LEU D 113 -33.85 -10.59 -27.03
CA LEU D 113 -32.81 -10.31 -26.04
C LEU D 113 -32.05 -9.07 -26.46
N ILE D 114 -31.91 -8.13 -25.55
CA ILE D 114 -31.08 -6.95 -25.73
C ILE D 114 -30.02 -6.93 -24.67
N VAL D 115 -28.78 -6.74 -25.10
CA VAL D 115 -27.65 -6.63 -24.19
C VAL D 115 -27.00 -5.27 -24.45
N ASP D 116 -26.97 -4.39 -23.46
CA ASP D 116 -26.39 -3.05 -23.65
C ASP D 116 -25.03 -2.96 -22.92
N LEU D 117 -23.97 -2.97 -23.71
CA LEU D 117 -22.60 -2.90 -23.15
C LEU D 117 -21.98 -1.53 -23.33
N THR D 118 -22.80 -0.54 -23.68
CA THR D 118 -22.21 0.76 -24.08
C THR D 118 -21.66 1.64 -22.93
N GLY D 119 -22.17 1.43 -21.72
CA GLY D 119 -21.59 2.12 -20.56
C GLY D 119 -21.80 3.63 -20.59
N LEU D 120 -20.84 4.36 -20.02
CA LEU D 120 -20.97 5.79 -19.82
C LEU D 120 -21.17 6.52 -21.15
N GLY D 121 -22.17 7.37 -21.18
CA GLY D 121 -22.45 8.16 -22.37
C GLY D 121 -22.95 7.36 -23.55
N GLY D 122 -23.48 6.19 -23.25
CA GLY D 122 -23.91 5.25 -24.29
C GLY D 122 -25.34 5.43 -24.78
N ILE D 123 -26.00 4.30 -25.03
CA ILE D 123 -27.32 4.29 -25.64
C ILE D 123 -28.36 4.95 -24.74
N GLU D 124 -29.31 5.63 -25.37
CA GLU D 124 -30.30 6.40 -24.64
C GLU D 124 -31.45 5.55 -24.12
N PRO D 125 -31.87 5.76 -22.87
CA PRO D 125 -33.09 5.13 -22.37
C PRO D 125 -34.32 5.34 -23.28
N GLU D 126 -34.49 6.53 -23.88
CA GLU D 126 -35.66 6.85 -24.69
C GLU D 126 -35.68 5.95 -25.92
N PHE D 127 -34.49 5.61 -26.44
CA PHE D 127 -34.42 4.70 -27.58
C PHE D 127 -34.70 3.24 -27.18
N LEU D 128 -34.06 2.77 -26.10
CA LEU D 128 -34.29 1.43 -25.57
C LEU D 128 -35.78 1.19 -25.31
N ALA D 129 -36.47 2.25 -24.88
CA ALA D 129 -37.86 2.13 -24.45
C ALA D 129 -38.80 1.74 -25.57
N LYS D 130 -38.37 1.88 -26.83
CA LYS D 130 -39.22 1.57 -27.98
C LYS D 130 -39.29 0.05 -28.23
N PHE D 131 -38.45 -0.70 -27.53
CA PHE D 131 -38.32 -2.13 -27.75
C PHE D 131 -39.12 -2.93 -26.75
N ASN D 132 -39.35 -4.20 -27.07
CA ASN D 132 -40.17 -5.08 -26.24
C ASN D 132 -39.49 -6.44 -26.09
N PRO D 133 -38.28 -6.46 -25.51
CA PRO D 133 -37.56 -7.72 -25.37
C PRO D 133 -38.13 -8.62 -24.29
N LYS D 134 -37.86 -9.91 -24.39
CA LYS D 134 -38.14 -10.83 -23.30
C LYS D 134 -37.15 -10.64 -22.15
N VAL D 135 -35.89 -10.37 -22.51
CA VAL D 135 -34.81 -10.21 -21.55
C VAL D 135 -33.98 -8.99 -21.92
N PHE D 136 -33.65 -8.17 -20.93
CA PHE D 136 -32.79 -7.01 -21.12
C PHE D 136 -31.67 -7.09 -20.10
N ILE D 137 -30.45 -7.02 -20.59
CA ILE D 137 -29.28 -6.98 -19.72
C ILE D 137 -28.50 -5.71 -20.00
N VAL D 138 -28.15 -4.96 -18.96
CA VAL D 138 -27.34 -3.75 -19.13
C VAL D 138 -26.08 -3.86 -18.32
N GLU D 139 -24.94 -3.51 -18.91
CA GLU D 139 -23.71 -3.54 -18.13
C GLU D 139 -23.56 -2.23 -17.34
N ASP D 140 -23.47 -2.36 -16.01
CA ASP D 140 -23.22 -1.23 -15.10
C ASP D 140 -21.72 -0.90 -15.20
N PRO D 141 -21.38 0.31 -15.67
CA PRO D 141 -19.97 0.69 -15.87
C PRO D 141 -19.28 1.11 -14.58
N LYS D 142 -20.00 1.22 -13.48
CA LYS D 142 -19.40 1.76 -12.21
C LYS D 142 -18.52 0.74 -11.50
N GLY D 143 -17.52 1.25 -10.77
CA GLY D 143 -16.65 0.43 -9.92
C GLY D 143 -16.83 0.94 -8.50
N VAL D 144 -15.73 1.33 -7.85
CA VAL D 144 -15.83 1.85 -6.51
C VAL D 144 -16.63 3.17 -6.53
N PHE D 145 -17.22 3.51 -5.40
CA PHE D 145 -17.96 4.77 -5.40
C PHE D 145 -17.10 5.97 -5.75
N ASP D 146 -17.64 6.76 -6.67
CA ASP D 146 -17.01 7.99 -7.16
C ASP D 146 -18.20 8.91 -7.48
N VAL D 147 -18.26 10.08 -6.85
CA VAL D 147 -19.45 10.95 -7.01
C VAL D 147 -19.64 11.31 -8.50
N ASP D 148 -18.54 11.55 -9.23
CA ASP D 148 -18.69 12.03 -10.61
C ASP D 148 -19.06 10.90 -11.59
N ILE D 149 -18.49 9.72 -11.38
CA ILE D 149 -18.85 8.55 -12.21
C ILE D 149 -20.28 8.18 -11.91
N TYR D 150 -20.67 8.26 -10.65
CA TYR D 150 -22.06 7.95 -10.32
C TYR D 150 -23.03 8.92 -11.02
N GLU D 151 -22.71 10.22 -11.04
CA GLU D 151 -23.59 11.18 -11.62
C GLU D 151 -23.66 10.97 -13.13
N ALA D 152 -22.56 10.50 -13.74
CA ALA D 152 -22.55 10.31 -15.19
C ALA D 152 -23.33 9.05 -15.61
N ASP D 153 -23.49 8.13 -14.68
CA ASP D 153 -24.12 6.82 -14.95
C ASP D 153 -25.65 6.92 -14.99
N ASN D 154 -26.29 6.24 -15.95
CA ASN D 154 -27.75 6.22 -15.96
C ASN D 154 -28.26 4.80 -16.20
N THR D 155 -27.49 3.82 -15.73
CA THR D 155 -27.81 2.38 -15.84
C THR D 155 -29.25 2.07 -15.43
N TYR D 156 -29.69 2.58 -14.29
CA TYR D 156 -31.03 2.21 -13.83
C TYR D 156 -32.13 3.00 -14.58
N LYS D 157 -31.77 4.06 -15.30
CA LYS D 157 -32.72 4.68 -16.20
C LYS D 157 -32.91 3.86 -17.46
N ARG D 158 -31.88 3.10 -17.84
CA ARG D 158 -32.01 2.21 -18.98
C ARG D 158 -32.87 0.98 -18.65
N THR D 159 -32.85 0.54 -17.40
CA THR D 159 -33.68 -0.61 -17.02
C THR D 159 -35.14 -0.24 -16.83
N ALA D 160 -35.43 1.02 -16.50
CA ALA D 160 -36.80 1.39 -16.13
C ALA D 160 -37.91 1.00 -17.13
N PRO D 161 -37.68 1.16 -18.47
CA PRO D 161 -38.77 0.80 -19.37
C PRO D 161 -39.10 -0.70 -19.40
N PHE D 162 -38.27 -1.55 -18.78
CA PHE D 162 -38.42 -2.99 -18.91
C PHE D 162 -38.84 -3.70 -17.63
N ILE D 163 -38.70 -3.02 -16.48
CA ILE D 163 -39.05 -3.60 -15.18
C ILE D 163 -40.48 -4.13 -15.18
N GLU D 164 -40.65 -5.36 -14.71
CA GLU D 164 -41.95 -6.04 -14.70
C GLU D 164 -42.57 -6.37 -16.07
N LYS D 165 -41.89 -6.06 -17.16
CA LYS D 165 -42.40 -6.27 -18.50
C LYS D 165 -41.47 -7.30 -19.14
N ALA D 166 -40.28 -7.44 -18.57
CA ALA D 166 -39.21 -8.31 -19.07
C ALA D 166 -38.41 -8.86 -17.90
N LYS D 167 -37.59 -9.87 -18.15
CA LYS D 167 -36.55 -10.26 -17.22
C LYS D 167 -35.37 -9.32 -17.38
N VAL D 168 -35.00 -8.64 -16.30
CA VAL D 168 -34.01 -7.55 -16.37
C VAL D 168 -32.82 -7.86 -15.49
N GLY D 169 -31.62 -7.74 -16.07
CA GLY D 169 -30.41 -7.95 -15.31
C GLY D 169 -29.43 -6.81 -15.49
N VAL D 170 -28.73 -6.51 -14.39
CA VAL D 170 -27.68 -5.51 -14.41
C VAL D 170 -26.34 -6.23 -14.14
N LEU D 171 -25.45 -6.21 -15.12
CA LEU D 171 -24.18 -6.92 -15.00
C LEU D 171 -23.17 -6.01 -14.30
N LYS D 172 -22.68 -6.49 -13.19
CA LYS D 172 -21.73 -5.75 -12.36
C LYS D 172 -20.42 -6.51 -12.24
N THR D 173 -19.29 -5.79 -12.35
CA THR D 173 -18.00 -6.46 -12.24
C THR D 173 -17.08 -5.66 -11.35
N TYR D 174 -16.55 -6.30 -10.32
CA TYR D 174 -15.74 -5.59 -9.33
C TYR D 174 -14.53 -6.41 -9.01
N ARG D 175 -13.56 -5.77 -8.33
CA ARG D 175 -12.42 -6.52 -7.82
C ARG D 175 -12.57 -6.71 -6.32
N LYS D 176 -12.39 -7.95 -5.83
CA LYS D 176 -12.61 -8.24 -4.43
C LYS D 176 -11.54 -7.53 -3.61
N ALA D 177 -11.96 -6.60 -2.74
CA ALA D 177 -11.05 -5.88 -1.83
C ALA D 177 -9.95 -5.07 -2.54
N ARG D 178 -10.25 -4.61 -3.77
CA ARG D 178 -9.31 -3.72 -4.47
C ARG D 178 -10.08 -2.61 -5.13
N VAL D 179 -9.38 -1.51 -5.41
CA VAL D 179 -10.03 -0.38 -6.05
C VAL D 179 -9.88 -0.41 -7.58
N SER D 180 -11.01 -0.38 -8.27
CA SER D 180 -11.05 -0.07 -9.68
C SER D 180 -12.17 0.97 -9.86
N LYS D 181 -11.96 1.93 -10.75
CA LYS D 181 -12.94 3.03 -10.87
C LYS D 181 -14.14 2.70 -11.74
N THR D 182 -13.99 1.70 -12.63
CA THR D 182 -15.08 1.30 -13.50
C THR D 182 -15.02 -0.23 -13.58
N SER D 183 -16.05 -0.79 -14.22
CA SER D 183 -16.12 -2.23 -14.55
C SER D 183 -15.63 -2.47 -15.94
N GLY D 184 -15.11 -1.44 -16.59
CA GLY D 184 -14.64 -1.57 -17.97
C GLY D 184 -13.55 -2.61 -18.14
N THR D 185 -13.70 -3.40 -19.20
CA THR D 185 -12.73 -4.49 -19.44
C THR D 185 -11.29 -3.96 -19.45
N MET D 186 -11.07 -2.83 -20.12
CA MET D 186 -9.75 -2.24 -20.14
C MET D 186 -9.31 -1.67 -18.81
N THR D 187 -10.20 -0.97 -18.12
CA THR D 187 -9.84 -0.52 -16.78
C THR D 187 -9.39 -1.68 -15.89
N LEU D 188 -10.18 -2.75 -15.91
CA LEU D 188 -9.84 -3.89 -15.06
C LEU D 188 -8.53 -4.56 -15.49
N THR D 189 -8.24 -4.56 -16.79
CA THR D 189 -7.01 -5.12 -17.31
C THR D 189 -5.81 -4.34 -16.77
N ILE D 190 -5.91 -3.02 -16.91
CA ILE D 190 -4.86 -2.12 -16.43
C ILE D 190 -4.61 -2.34 -14.96
N ASP D 191 -5.67 -2.33 -14.16
CA ASP D 191 -5.51 -2.37 -12.70
C ASP D 191 -4.97 -3.76 -12.26
N THR D 192 -5.39 -4.81 -12.97
CA THR D 192 -4.89 -6.17 -12.73
C THR D 192 -3.37 -6.28 -12.96
N ILE D 193 -2.93 -5.78 -14.09
CA ILE D 193 -1.55 -5.94 -14.51
C ILE D 193 -0.68 -5.00 -13.65
N VAL D 194 -1.16 -3.79 -13.37
CA VAL D 194 -0.38 -2.93 -12.46
C VAL D 194 -0.24 -3.57 -11.07
N ASP D 195 -1.35 -4.06 -10.51
CA ASP D 195 -1.25 -4.62 -9.16
C ASP D 195 -0.32 -5.83 -9.18
N ALA D 196 -0.44 -6.68 -10.21
CA ALA D 196 0.43 -7.86 -10.28
C ALA D 196 1.89 -7.46 -10.32
N SER D 197 2.20 -6.40 -11.08
CA SER D 197 3.59 -5.95 -11.22
C SER D 197 4.15 -5.55 -9.85
N ARG D 198 3.30 -4.96 -9.00
CA ARG D 198 3.74 -4.53 -7.68
C ARG D 198 4.02 -5.73 -6.78
N GLU D 199 3.13 -6.74 -6.87
CA GLU D 199 3.33 -7.96 -6.08
C GLU D 199 4.56 -8.73 -6.56
N ILE D 200 4.81 -8.76 -7.86
CA ILE D 200 6.01 -9.45 -8.37
C ILE D 200 7.28 -8.77 -7.92
N THR D 201 7.24 -7.44 -7.85
CA THR D 201 8.40 -6.67 -7.39
C THR D 201 8.88 -7.15 -6.02
N SER D 202 7.93 -7.56 -5.20
CA SER D 202 8.27 -7.95 -3.83
C SER D 202 8.96 -9.30 -3.73
N LEU D 203 8.94 -10.09 -4.81
CA LEU D 203 9.53 -11.44 -4.77
C LEU D 203 11.03 -11.40 -4.52
N ASP D 204 11.53 -12.43 -3.84
CA ASP D 204 12.98 -12.53 -3.61
C ASP D 204 13.77 -12.37 -4.91
N GLY D 205 14.72 -11.43 -4.90
CA GLY D 205 15.64 -11.25 -6.02
C GLY D 205 15.16 -10.36 -7.15
N VAL D 206 13.90 -9.95 -7.11
CA VAL D 206 13.40 -9.07 -8.17
C VAL D 206 13.83 -7.62 -7.94
N LEU D 207 14.32 -6.98 -9.00
CA LEU D 207 14.73 -5.60 -8.93
C LEU D 207 13.56 -4.66 -9.27
N TYR D 208 12.86 -5.00 -10.35
CA TYR D 208 11.64 -4.27 -10.65
C TYR D 208 10.83 -5.06 -11.62
N ALA D 209 9.56 -4.68 -11.76
CA ALA D 209 8.69 -5.35 -12.72
C ALA D 209 7.86 -4.26 -13.39
N ILE D 210 7.90 -4.20 -14.72
CA ILE D 210 7.17 -3.17 -15.48
C ILE D 210 5.86 -3.73 -15.97
N PRO D 211 4.75 -3.04 -15.65
CA PRO D 211 3.50 -3.42 -16.35
C PRO D 211 3.54 -2.86 -17.77
N ASN D 212 3.42 -3.72 -18.77
CA ASN D 212 3.58 -3.29 -20.17
C ASN D 212 2.25 -2.85 -20.76
N LEU D 213 1.89 -1.61 -20.52
CA LEU D 213 0.60 -1.11 -20.94
C LEU D 213 0.77 0.09 -21.81
N ARG D 214 -0.11 0.20 -22.78
CA ARG D 214 -0.14 1.40 -23.63
C ARG D 214 -1.56 1.90 -23.72
N TYR D 215 -1.71 3.11 -24.20
CA TYR D 215 -3.02 3.69 -24.38
C TYR D 215 -3.69 3.08 -25.64
N TYR D 216 -4.15 1.84 -25.53
CA TYR D 216 -4.69 1.12 -26.69
C TYR D 216 -5.94 1.72 -27.26
N GLU D 217 -6.72 2.31 -26.37
CA GLU D 217 -7.99 2.91 -26.73
C GLU D 217 -7.80 4.01 -27.78
N GLY D 218 -6.68 4.73 -27.75
CA GLY D 218 -6.42 5.74 -28.79
C GLY D 218 -6.14 5.16 -30.19
N ILE D 219 -5.55 3.97 -30.26
CA ILE D 219 -5.28 3.34 -31.56
C ILE D 219 -6.62 3.12 -32.28
N LEU D 220 -7.63 2.83 -31.48
CA LEU D 220 -8.95 2.54 -32.04
C LEU D 220 -9.71 3.78 -32.40
N PHE D 221 -9.95 4.64 -31.43
CA PHE D 221 -10.94 5.68 -31.64
C PHE D 221 -10.37 6.87 -32.39
N HIS D 222 -9.05 7.03 -32.39
CA HIS D 222 -8.45 8.11 -33.16
C HIS D 222 -7.90 7.60 -34.50
N GLU D 223 -7.15 6.50 -34.47
CA GLU D 223 -6.50 6.01 -35.68
C GLU D 223 -7.35 5.00 -36.44
N ASN D 224 -8.39 4.47 -35.78
CA ASN D 224 -9.28 3.47 -36.38
C ASN D 224 -8.50 2.27 -36.90
N ASP D 225 -7.46 1.89 -36.17
CA ASP D 225 -6.49 0.89 -36.66
C ASP D 225 -6.57 -0.39 -35.84
N ILE D 226 -7.50 -1.27 -36.20
CA ILE D 226 -7.70 -2.49 -35.43
C ILE D 226 -6.47 -3.42 -35.44
N HIS D 227 -5.81 -3.53 -36.59
CA HIS D 227 -4.65 -4.42 -36.70
C HIS D 227 -3.56 -4.03 -35.71
N LYS D 228 -3.29 -2.74 -35.63
CA LYS D 228 -2.29 -2.21 -34.72
C LYS D 228 -2.71 -2.36 -33.27
N PHE D 229 -3.99 -2.15 -32.98
CA PHE D 229 -4.52 -2.41 -31.63
C PHE D 229 -4.24 -3.85 -31.19
N LEU D 230 -4.60 -4.81 -32.05
CA LEU D 230 -4.44 -6.23 -31.76
C LEU D 230 -2.96 -6.58 -31.62
N SER D 231 -2.13 -5.96 -32.44
CA SER D 231 -0.69 -6.15 -32.35
C SER D 231 -0.14 -5.66 -31.00
N GLU D 232 -0.54 -4.47 -30.59
CA GLU D 232 0.02 -3.92 -29.38
C GLU D 232 -0.46 -4.69 -28.14
N ILE D 233 -1.70 -5.12 -28.13
CA ILE D 233 -2.19 -5.79 -26.90
C ILE D 233 -1.71 -7.25 -26.81
N SER D 234 -1.08 -7.77 -27.87
CA SER D 234 -0.52 -9.13 -27.81
C SER D 234 0.83 -9.15 -27.07
N GLN D 235 1.29 -8.00 -26.60
CA GLN D 235 2.58 -7.92 -25.89
C GLN D 235 2.53 -8.65 -24.53
N PRO D 236 3.67 -9.19 -24.04
CA PRO D 236 3.69 -9.77 -22.69
C PRO D 236 3.22 -8.75 -21.68
N ALA D 237 2.47 -9.21 -20.68
CA ALA D 237 1.85 -8.30 -19.73
C ALA D 237 2.86 -7.58 -18.82
N ILE D 238 3.89 -8.32 -18.41
CA ILE D 238 4.86 -7.79 -17.43
C ILE D 238 6.28 -8.21 -17.84
N THR D 239 7.22 -7.27 -17.71
CA THR D 239 8.64 -7.51 -17.91
C THR D 239 9.38 -7.32 -16.61
N ILE D 240 10.20 -8.31 -16.24
CA ILE D 240 10.76 -8.37 -14.89
C ILE D 240 12.29 -8.33 -14.98
N SER D 241 12.93 -7.50 -14.14
CA SER D 241 14.38 -7.50 -14.01
C SER D 241 14.67 -8.20 -12.72
N THR D 242 15.47 -9.27 -12.75
CA THR D 242 15.52 -10.15 -11.58
C THR D 242 16.79 -11.00 -11.50
N LEU D 243 17.27 -11.22 -10.28
CA LEU D 243 18.40 -12.13 -10.06
C LEU D 243 17.97 -13.59 -10.11
N ASN D 244 16.68 -13.85 -9.90
CA ASN D 244 16.13 -15.20 -9.81
C ASN D 244 15.07 -15.51 -10.85
N ASP D 245 14.94 -16.79 -11.20
CA ASP D 245 13.89 -17.23 -12.08
C ASP D 245 12.56 -17.24 -11.36
N VAL D 246 11.79 -16.20 -11.59
CA VAL D 246 10.49 -16.09 -10.93
C VAL D 246 9.33 -16.20 -11.88
N LEU D 247 9.55 -16.74 -13.07
CA LEU D 247 8.51 -16.82 -14.08
C LEU D 247 7.27 -17.53 -13.55
N ASP D 248 7.42 -18.72 -12.97
CA ASP D 248 6.24 -19.44 -12.51
C ASP D 248 5.48 -18.69 -11.42
N GLU D 249 6.21 -18.15 -10.45
CA GLU D 249 5.60 -17.36 -9.38
C GLU D 249 4.91 -16.10 -9.93
N ALA D 250 5.49 -15.50 -10.95
CA ALA D 250 4.87 -14.31 -11.51
C ALA D 250 3.58 -14.64 -12.23
N GLU D 251 3.56 -15.75 -12.96
CA GLU D 251 2.33 -16.18 -13.63
C GLU D 251 1.23 -16.47 -12.64
N GLU D 252 1.58 -17.09 -11.52
CA GLU D 252 0.61 -17.38 -10.46
C GLU D 252 0.07 -16.09 -9.87
N ILE D 253 0.95 -15.12 -9.63
CA ILE D 253 0.51 -13.84 -9.10
C ILE D 253 -0.45 -13.16 -10.09
N LEU D 254 -0.13 -13.21 -11.37
CA LEU D 254 -1.02 -12.59 -12.36
C LEU D 254 -2.37 -13.34 -12.35
N SER D 255 -2.33 -14.66 -12.27
CA SER D 255 -3.54 -15.46 -12.22
C SER D 255 -4.36 -15.10 -10.96
N ASN D 256 -3.67 -14.92 -9.83
CA ASN D 256 -4.39 -14.59 -8.60
C ASN D 256 -5.10 -13.25 -8.71
N ASN D 257 -4.46 -12.29 -9.37
CA ASN D 257 -5.09 -10.97 -9.49
C ASN D 257 -6.23 -11.01 -10.46
N ILE D 258 -6.12 -11.85 -11.48
CA ILE D 258 -7.26 -12.04 -12.37
C ILE D 258 -8.40 -12.65 -11.59
N ASN D 259 -8.09 -13.61 -10.67
CA ASN D 259 -9.13 -14.34 -9.95
C ASN D 259 -9.86 -13.46 -8.91
N LEU D 260 -9.34 -12.27 -8.62
CA LEU D 260 -10.00 -11.31 -7.72
C LEU D 260 -11.21 -10.63 -8.39
N ILE D 261 -11.29 -10.73 -9.71
CA ILE D 261 -12.34 -10.07 -10.47
C ILE D 261 -13.57 -10.93 -10.36
N TYR D 262 -14.66 -10.27 -9.96
CA TYR D 262 -15.90 -11.00 -9.69
C TYR D 262 -17.03 -10.31 -10.48
N SER D 263 -17.71 -11.10 -11.29
CA SER D 263 -18.76 -10.56 -12.19
C SER D 263 -20.06 -11.28 -11.83
N PHE D 264 -21.15 -10.53 -11.76
CA PHE D 264 -22.46 -11.13 -11.42
C PHE D 264 -23.56 -10.29 -11.97
N VAL D 265 -24.73 -10.91 -12.13
CA VAL D 265 -25.90 -10.15 -12.57
C VAL D 265 -26.89 -9.94 -11.45
N GLU D 266 -27.25 -8.67 -11.22
CA GLU D 266 -28.31 -8.32 -10.28
C GLU D 266 -29.64 -8.43 -11.01
N GLU D 267 -30.53 -9.29 -10.55
CA GLU D 267 -31.83 -9.39 -11.21
C GLU D 267 -32.81 -8.38 -10.65
N LEU D 268 -33.43 -7.59 -11.50
CA LEU D 268 -34.42 -6.59 -11.02
C LEU D 268 -35.86 -7.10 -11.12
#